data_8PL4
#
_entry.id   8PL4
#
_cell.length_a   62.350
_cell.length_b   103.370
_cell.length_c   133.730
_cell.angle_alpha   90.000
_cell.angle_beta   92.060
_cell.angle_gamma   90.000
#
_symmetry.space_group_name_H-M   'P 1 21 1'
#
loop_
_entity.id
_entity.type
_entity.pdbx_description
1 polymer 'Thioredoxin glutathione reductase'
2 non-polymer 'FLAVIN-ADENINE DINUCLEOTIDE'
3 non-polymer ~{N}-(1,3-benzodioxol-5-ylmethyl)-1-pyridin-4-yl-methanamine
4 water water
#
_entity_poly.entity_id   1
_entity_poly.type   'polypeptide(L)'
_entity_poly.pdbx_seq_one_letter_code
;GPPPADGTSQWLRKTVDSAAVILFSKTTCPYCKKVKDVLAEAKIKHATIELDQLSNGSAIQKCLASFSKIETVPQMFVRG
KFIGDSQTVLKYYSNDELAGIVNESKYDYDLIVIGGGSGGLAAGKEAAKYGAKTAVLDYVEPTPIGTTWGLGGTCVNVGC
IPKKLMHQAGLLSHALEDAEHFGWSLDRSKISHNWSTMVEGVQSHIGSLNWGYKVALRDNQVTYLNAKGRLISPHEVQIT
DKNQKVSTITGNKIILATGERPKYPEIPGAVEYGITSDDLFSLPYFPGKTLVIGASYVALECAGFLASLGGDVTVMVRSI
LLRGFDQQMAEKVGDYMENHGVKFAKLCVPDEIKQLKVVDTENNKPGLLLVKGHYTDGKKFEEEFETVIFAVGREPQLSK
VLCETVGVKLDKNGRVVCTDDEQTTVSNVYAIGDINAGKPQLTPVAIQAGRYLARRLFAGATELTDYSNVATTVFTPLEY
GACGLSEEDAIEKYGDKDIEVYHSNFKPLEWTVAHREDNVCYMKLVCRKSDNMRVLGLHVLGPNAGEITQGYAVAIKMGA
TKADFDRTIGIHPTCSETFTTLHVTKKSGVSPIVSGC
;
_entity_poly.pdbx_strand_id   A,B
#
loop_
_chem_comp.id
_chem_comp.type
_chem_comp.name
_chem_comp.formula
FAD non-polymer 'FLAVIN-ADENINE DINUCLEOTIDE' 'C27 H33 N9 O15 P2'
ZMC non-polymer ~{N}-(1,3-benzodioxol-5-ylmethyl)-1-pyridin-4-yl-methanamine 'C14 H14 N2 O2'
#
# COMPACT_ATOMS: atom_id res chain seq x y z
N GLY A 7 -4.55 29.08 31.52
CA GLY A 7 -4.68 28.11 30.44
C GLY A 7 -4.20 28.68 29.13
N THR A 8 -5.05 29.51 28.53
CA THR A 8 -4.60 30.35 27.42
C THR A 8 -3.39 31.20 27.84
N SER A 9 -3.44 31.75 29.06
CA SER A 9 -2.37 32.64 29.50
C SER A 9 -1.06 31.91 29.73
N GLN A 10 -1.09 30.65 30.17
CA GLN A 10 0.15 29.90 30.33
C GLN A 10 0.77 29.54 28.98
N TRP A 11 -0.08 29.30 27.96
CA TRP A 11 0.42 29.06 26.61
C TRP A 11 1.11 30.32 26.08
N LEU A 12 0.48 31.47 26.25
CA LEU A 12 1.02 32.71 25.69
C LEU A 12 2.37 33.03 26.30
N ARG A 13 2.51 32.83 27.61
CA ARG A 13 3.78 33.15 28.24
C ARG A 13 4.90 32.23 27.76
N LYS A 14 4.58 30.94 27.59
CA LYS A 14 5.59 30.00 27.12
C LYS A 14 5.98 30.30 25.68
N THR A 15 4.98 30.58 24.84
CA THR A 15 5.25 30.95 23.44
C THR A 15 6.11 32.21 23.35
N VAL A 16 5.78 33.24 24.13
CA VAL A 16 6.54 34.49 24.04
C VAL A 16 7.96 34.32 24.58
N ASP A 17 8.14 33.59 25.69
CA ASP A 17 9.48 33.46 26.27
C ASP A 17 10.47 32.75 25.34
N SER A 18 10.02 31.75 24.57
CA SER A 18 11.01 30.96 23.85
C SER A 18 11.07 31.24 22.34
N ALA A 19 10.09 31.92 21.76
CA ALA A 19 10.23 32.34 20.36
C ALA A 19 11.40 33.28 20.16
N ALA A 20 12.13 33.10 19.06
CA ALA A 20 13.22 34.03 18.71
C ALA A 20 12.66 35.36 18.20
N VAL A 21 11.80 35.31 17.18
CA VAL A 21 11.16 36.50 16.60
C VAL A 21 9.74 36.09 16.22
N ILE A 22 8.73 36.80 16.76
CA ILE A 22 7.34 36.40 16.55
C ILE A 22 6.46 37.64 16.40
N LEU A 23 5.54 37.58 15.42
CA LEU A 23 4.62 38.66 15.13
C LEU A 23 3.21 38.16 15.37
N PHE A 24 2.45 38.90 16.17
CA PHE A 24 1.02 38.62 16.37
C PHE A 24 0.22 39.53 15.44
N SER A 25 -0.78 38.97 14.77
CA SER A 25 -1.33 39.62 13.59
C SER A 25 -2.73 39.09 13.30
N LYS A 26 -3.38 39.71 12.30
CA LYS A 26 -4.62 39.20 11.71
C LYS A 26 -4.53 39.30 10.18
N THR A 27 -5.27 38.42 9.49
CA THR A 27 -5.10 38.25 8.05
C THR A 27 -5.51 39.50 7.28
N THR A 28 -6.51 40.23 7.78
CA THR A 28 -7.04 41.40 7.09
C THR A 28 -6.19 42.64 7.33
N CYS A 29 -5.84 42.91 8.60
CA CYS A 29 -5.06 44.02 9.15
C CYS A 29 -3.97 44.58 8.22
N PRO A 30 -4.20 45.75 7.59
CA PRO A 30 -3.17 46.32 6.72
C PRO A 30 -1.97 46.90 7.45
N TYR A 31 -2.10 47.30 8.73
CA TYR A 31 -0.89 47.67 9.48
C TYR A 31 0.00 46.45 9.72
N CYS A 32 -0.60 45.28 9.96
CA CYS A 32 0.20 44.07 10.04
C CYS A 32 0.93 43.82 8.73
N LYS A 33 0.25 44.00 7.60
CA LYS A 33 0.88 43.79 6.30
C LYS A 33 2.08 44.71 6.10
N LYS A 34 2.00 45.95 6.61
CA LYS A 34 3.15 46.85 6.52
C LYS A 34 4.34 46.34 7.32
N VAL A 35 4.09 45.77 8.51
CA VAL A 35 5.20 45.23 9.29
C VAL A 35 5.77 43.98 8.63
N LYS A 36 4.90 43.11 8.11
CA LYS A 36 5.38 41.91 7.40
C LYS A 36 6.28 42.29 6.24
N ASP A 37 5.90 43.34 5.50
CA ASP A 37 6.68 43.76 4.33
C ASP A 37 8.05 44.28 4.72
N VAL A 38 8.16 45.01 5.84
CA VAL A 38 9.46 45.48 6.29
C VAL A 38 10.35 44.30 6.68
N LEU A 39 9.82 43.35 7.45
CA LEU A 39 10.64 42.22 7.87
C LEU A 39 11.10 41.39 6.68
N ALA A 40 10.21 41.12 5.72
CA ALA A 40 10.60 40.44 4.49
C ALA A 40 11.72 41.20 3.77
N GLU A 41 11.61 42.53 3.70
CA GLU A 41 12.60 43.29 2.93
C GLU A 41 13.96 43.24 3.59
N ALA A 42 14.01 43.29 4.91
CA ALA A 42 15.28 43.22 5.62
C ALA A 42 15.75 41.79 5.84
N LYS A 43 15.03 40.80 5.30
CA LYS A 43 15.38 39.38 5.42
C LYS A 43 15.43 38.92 6.89
N ILE A 44 14.49 39.42 7.70
CA ILE A 44 14.29 38.93 9.06
C ILE A 44 13.25 37.82 9.03
N LYS A 45 13.66 36.59 9.35
CA LYS A 45 12.72 35.47 9.45
C LYS A 45 12.05 35.47 10.83
N HIS A 46 10.79 35.03 10.85
CA HIS A 46 10.00 35.11 12.08
C HIS A 46 8.82 34.15 11.98
N ALA A 47 8.30 33.78 13.14
CA ALA A 47 7.01 33.13 13.23
C ALA A 47 5.90 34.18 13.15
N THR A 48 4.70 33.74 12.75
CA THR A 48 3.51 34.59 12.71
C THR A 48 2.32 33.82 13.27
N ILE A 49 1.53 34.47 14.13
CA ILE A 49 0.32 33.88 14.68
C ILE A 49 -0.84 34.77 14.27
N GLU A 50 -1.76 34.24 13.47
CA GLU A 50 -2.90 35.01 12.96
C GLU A 50 -4.08 34.80 13.90
N LEU A 51 -4.33 35.77 14.79
CA LEU A 51 -5.27 35.56 15.89
C LEU A 51 -6.69 35.28 15.39
N ASP A 52 -7.05 35.80 14.21
CA ASP A 52 -8.38 35.57 13.67
C ASP A 52 -8.61 34.13 13.22
N GLN A 53 -7.55 33.37 12.96
CA GLN A 53 -7.68 31.96 12.57
C GLN A 53 -7.75 31.02 13.77
N LEU A 54 -7.68 31.53 15.00
CA LEU A 54 -7.65 30.69 16.19
C LEU A 54 -8.95 30.78 16.95
N SER A 55 -9.33 29.64 17.54
CA SER A 55 -10.61 29.51 18.23
C SER A 55 -10.76 30.57 19.32
N ASN A 56 -9.73 30.74 20.16
CA ASN A 56 -9.81 31.73 21.23
C ASN A 56 -8.89 32.93 20.95
N GLY A 57 -8.95 33.46 19.72
CA GLY A 57 -8.14 34.62 19.38
C GLY A 57 -8.45 35.85 20.21
N SER A 58 -9.72 36.03 20.59
CA SER A 58 -10.11 37.18 21.42
C SER A 58 -9.39 37.16 22.76
N ALA A 59 -9.44 36.03 23.46
CA ALA A 59 -8.78 35.91 24.75
C ALA A 59 -7.27 36.10 24.64
N ILE A 60 -6.66 35.56 23.59
CA ILE A 60 -5.22 35.69 23.41
C ILE A 60 -4.86 37.16 23.25
N GLN A 61 -5.66 37.91 22.48
CA GLN A 61 -5.38 39.33 22.26
C GLN A 61 -5.40 40.10 23.57
N LYS A 62 -6.45 39.91 24.38
CA LYS A 62 -6.51 40.55 25.69
C LYS A 62 -5.28 40.21 26.52
N CYS A 63 -4.80 38.97 26.43
CA CYS A 63 -3.73 38.52 27.30
C CYS A 63 -2.37 39.09 26.90
N LEU A 64 -2.19 39.47 25.63
CA LEU A 64 -0.96 40.14 25.20
C LEU A 64 -0.67 41.39 26.00
N ALA A 65 -1.71 42.09 26.47
CA ALA A 65 -1.47 43.35 27.17
C ALA A 65 -0.72 43.14 28.49
N SER A 66 -0.77 41.95 29.07
CA SER A 66 0.06 41.66 30.24
C SER A 66 1.54 41.77 29.93
N PHE A 67 1.91 41.72 28.65
CA PHE A 67 3.31 41.85 28.22
C PHE A 67 3.63 43.21 27.63
N SER A 68 2.72 43.75 26.80
CA SER A 68 3.02 44.94 25.99
C SER A 68 2.32 46.20 26.48
N LYS A 69 1.34 46.07 27.38
CA LYS A 69 0.45 47.13 27.84
C LYS A 69 -0.47 47.62 26.72
N ILE A 70 -0.55 46.91 25.58
CA ILE A 70 -1.48 47.24 24.50
C ILE A 70 -2.25 45.99 24.09
N GLU A 71 -3.37 46.22 23.38
CA GLU A 71 -4.32 45.16 23.03
C GLU A 71 -4.58 45.03 21.54
N THR A 72 -3.89 45.78 20.70
CA THR A 72 -4.10 45.77 19.25
C THR A 72 -3.06 44.89 18.57
N VAL A 73 -3.27 44.65 17.27
CA VAL A 73 -2.27 44.00 16.41
C VAL A 73 -1.80 45.03 15.38
N PRO A 74 -0.55 44.95 14.88
CA PRO A 74 0.49 43.95 15.17
C PRO A 74 1.21 44.20 16.49
N GLN A 75 1.78 43.14 17.08
CA GLN A 75 2.74 43.22 18.15
C GLN A 75 3.92 42.31 17.81
N MET A 76 5.13 42.84 17.91
CA MET A 76 6.33 42.10 17.53
C MET A 76 7.19 41.88 18.77
N PHE A 77 7.64 40.64 18.98
CA PHE A 77 8.49 40.27 20.10
C PHE A 77 9.80 39.65 19.60
N VAL A 78 10.86 39.84 20.38
CA VAL A 78 12.17 39.23 20.13
C VAL A 78 12.65 38.63 21.44
N ARG A 79 12.79 37.31 21.47
CA ARG A 79 13.35 36.59 22.61
C ARG A 79 12.73 37.05 23.94
N GLY A 80 11.40 37.13 23.95
CA GLY A 80 10.66 37.44 25.17
C GLY A 80 10.38 38.90 25.43
N LYS A 81 10.89 39.82 24.60
CA LYS A 81 10.79 41.26 24.80
C LYS A 81 9.86 41.87 23.75
N PHE A 82 8.88 42.65 24.21
CA PHE A 82 8.01 43.37 23.29
C PHE A 82 8.79 44.49 22.62
N ILE A 83 8.77 44.51 21.29
CA ILE A 83 9.57 45.45 20.52
C ILE A 83 8.74 46.66 20.10
N GLY A 84 7.53 46.46 19.59
CA GLY A 84 6.67 47.58 19.32
C GLY A 84 5.52 47.22 18.40
N ASP A 85 4.68 48.23 18.16
CA ASP A 85 3.63 48.14 17.15
C ASP A 85 4.23 48.58 15.81
N SER A 86 3.38 48.90 14.83
CA SER A 86 3.87 49.20 13.49
C SER A 86 4.66 50.52 13.46
N GLN A 87 4.12 51.59 14.07
CA GLN A 87 4.87 52.85 14.07
C GLN A 87 6.25 52.68 14.70
N THR A 88 6.35 51.90 15.80
CA THR A 88 7.64 51.72 16.46
C THR A 88 8.60 50.87 15.63
N VAL A 89 8.11 49.78 15.02
CA VAL A 89 8.99 48.96 14.18
C VAL A 89 9.50 49.76 12.99
N LEU A 90 8.61 50.50 12.32
CA LEU A 90 9.03 51.33 11.20
C LEU A 90 10.08 52.35 11.62
N LYS A 91 9.92 52.95 12.81
CA LYS A 91 10.91 53.86 13.36
C LYS A 91 12.29 53.21 13.42
N TYR A 92 12.38 52.02 14.04
CA TYR A 92 13.66 51.31 14.14
C TYR A 92 14.23 51.01 12.76
N TYR A 93 13.39 50.58 11.82
CA TYR A 93 13.84 50.29 10.47
C TYR A 93 14.39 51.56 9.82
N SER A 94 13.56 52.62 9.79
CA SER A 94 13.97 53.89 9.20
C SER A 94 15.28 54.41 9.78
N ASN A 95 15.52 54.18 11.07
CA ASN A 95 16.73 54.67 11.73
C ASN A 95 17.88 53.66 11.71
N ASP A 96 17.74 52.56 10.96
CA ASP A 96 18.80 51.56 10.85
C ASP A 96 19.10 50.92 12.20
N GLU A 97 18.08 50.76 13.05
CA GLU A 97 18.23 50.16 14.36
C GLU A 97 17.64 48.77 14.47
N LEU A 98 16.82 48.34 13.49
CA LEU A 98 16.10 47.07 13.60
C LEU A 98 17.04 45.87 13.60
N ALA A 99 18.04 45.86 12.70
CA ALA A 99 18.91 44.69 12.61
C ALA A 99 19.56 44.36 13.95
N GLY A 100 20.06 45.37 14.67
CA GLY A 100 20.69 45.09 15.96
C GLY A 100 19.72 44.65 17.03
N ILE A 101 18.49 45.17 16.98
CA ILE A 101 17.47 44.76 17.95
C ILE A 101 17.13 43.28 17.78
N VAL A 102 16.88 42.84 16.54
CA VAL A 102 16.49 41.43 16.35
C VAL A 102 17.65 40.46 16.58
N ASN A 103 18.88 40.94 16.55
CA ASN A 103 20.04 40.10 16.74
C ASN A 103 20.55 40.08 18.17
N GLU A 104 19.90 40.83 19.07
CA GLU A 104 20.36 40.91 20.45
C GLU A 104 19.96 39.65 21.22
N SER A 105 20.93 39.05 21.91
CA SER A 105 20.68 37.80 22.64
C SER A 105 21.72 37.61 23.74
N LYS A 106 21.27 37.00 24.84
CA LYS A 106 22.15 36.54 25.92
C LYS A 106 23.06 35.38 25.49
N TYR A 107 22.74 34.66 24.41
CA TYR A 107 23.48 33.47 24.01
C TYR A 107 23.96 33.60 22.57
N ASP A 108 24.96 32.78 22.19
CA ASP A 108 25.41 32.77 20.80
C ASP A 108 24.30 32.28 19.87
N TYR A 109 23.51 31.28 20.29
CA TYR A 109 22.49 30.67 19.45
C TYR A 109 21.17 30.52 20.21
N ASP A 110 20.06 30.63 19.48
CA ASP A 110 18.78 30.23 20.05
C ASP A 110 18.67 28.73 20.24
N LEU A 111 19.35 27.95 19.38
CA LEU A 111 19.28 26.49 19.38
C LEU A 111 20.64 25.92 19.01
N ILE A 112 21.13 24.96 19.79
CA ILE A 112 22.26 24.13 19.38
C ILE A 112 21.75 22.70 19.30
N VAL A 113 21.90 22.08 18.13
CA VAL A 113 21.61 20.64 17.93
C VAL A 113 22.93 19.87 17.97
N ILE A 114 23.06 18.92 18.88
CA ILE A 114 24.23 18.03 18.92
C ILE A 114 23.86 16.73 18.20
N GLY A 115 24.43 16.53 17.02
CA GLY A 115 24.11 15.38 16.17
C GLY A 115 23.47 15.77 14.85
N GLY A 116 24.10 15.43 13.73
CA GLY A 116 23.59 15.84 12.44
C GLY A 116 22.99 14.69 11.64
N GLY A 117 22.06 13.95 12.25
CA GLY A 117 21.40 12.87 11.55
C GLY A 117 19.94 13.13 11.23
N SER A 118 19.16 12.06 11.15
CA SER A 118 17.76 12.17 10.75
C SER A 118 17.01 13.20 11.60
N GLY A 119 17.13 13.09 12.93
CA GLY A 119 16.37 13.95 13.83
C GLY A 119 16.96 15.36 13.93
N GLY A 120 18.29 15.42 14.11
CA GLY A 120 18.94 16.71 14.32
C GLY A 120 18.84 17.63 13.11
N LEU A 121 19.07 17.10 11.91
CA LEU A 121 18.96 17.91 10.70
C LEU A 121 17.54 18.44 10.53
N ALA A 122 16.54 17.58 10.77
CA ALA A 122 15.15 18.00 10.62
C ALA A 122 14.79 19.06 11.64
N ALA A 123 15.21 18.86 12.89
CA ALA A 123 14.93 19.86 13.93
C ALA A 123 15.59 21.20 13.60
N GLY A 124 16.87 21.17 13.22
CA GLY A 124 17.58 22.42 12.98
C GLY A 124 17.00 23.21 11.83
N LYS A 125 16.69 22.55 10.71
CA LYS A 125 16.16 23.25 9.55
C LYS A 125 14.80 23.86 9.86
N GLU A 126 13.96 23.13 10.58
CA GLU A 126 12.64 23.66 10.91
C GLU A 126 12.72 24.88 11.82
N ALA A 127 13.57 24.82 12.85
CA ALA A 127 13.72 25.96 13.76
C ALA A 127 14.20 27.21 13.02
N ALA A 128 15.19 27.06 12.13
CA ALA A 128 15.69 28.18 11.34
C ALA A 128 14.59 28.90 10.55
N LYS A 129 13.57 28.18 10.07
CA LYS A 129 12.48 28.85 9.35
C LYS A 129 11.74 29.90 10.16
N TYR A 130 11.74 29.81 11.50
CA TYR A 130 11.01 30.79 12.32
C TYR A 130 11.94 31.83 12.93
N GLY A 131 13.16 31.95 12.42
CA GLY A 131 14.08 32.97 12.84
C GLY A 131 15.00 32.59 13.98
N ALA A 132 14.97 31.34 14.43
CA ALA A 132 15.90 30.90 15.46
C ALA A 132 17.31 30.82 14.88
N LYS A 133 18.27 31.45 15.55
CA LYS A 133 19.67 31.35 15.15
C LYS A 133 20.22 30.00 15.60
N THR A 134 20.61 29.16 14.63
CA THR A 134 20.76 27.72 14.86
C THR A 134 22.15 27.27 14.43
N ALA A 135 22.73 26.37 15.23
CA ALA A 135 23.93 25.64 14.89
C ALA A 135 23.66 24.14 15.01
N VAL A 136 24.09 23.35 14.03
CA VAL A 136 24.08 21.88 14.14
C VAL A 136 25.51 21.37 14.10
N LEU A 137 25.83 20.49 15.03
CA LEU A 137 27.15 19.90 15.17
C LEU A 137 27.06 18.45 14.72
N ASP A 138 28.00 18.01 13.87
CA ASP A 138 28.09 16.60 13.49
C ASP A 138 29.55 16.16 13.41
N TYR A 139 29.85 15.03 14.03
CA TYR A 139 31.14 14.36 13.98
C TYR A 139 30.87 12.88 13.90
N VAL A 140 31.66 12.17 13.09
CA VAL A 140 31.52 10.72 12.94
C VAL A 140 32.81 10.07 13.46
N GLU A 141 32.79 9.56 14.70
CA GLU A 141 33.89 8.74 15.22
C GLU A 141 34.18 7.56 14.29
N PRO A 142 35.40 7.40 13.78
CA PRO A 142 35.68 6.27 12.86
C PRO A 142 35.48 4.92 13.54
N THR A 143 35.21 3.89 12.72
CA THR A 143 35.09 2.52 13.22
C THR A 143 36.47 1.99 13.60
N PRO A 144 36.54 0.82 14.27
CA PRO A 144 37.87 0.25 14.57
C PRO A 144 38.77 0.07 13.37
N ILE A 145 38.27 -0.20 12.15
CA ILE A 145 39.17 -0.28 11.01
C ILE A 145 39.35 1.07 10.30
N GLY A 146 38.75 2.15 10.80
CA GLY A 146 38.98 3.48 10.26
C GLY A 146 37.88 4.04 9.37
N THR A 147 36.77 3.32 9.17
CA THR A 147 35.70 3.77 8.29
C THR A 147 35.02 5.03 8.84
N THR A 148 34.77 5.99 7.96
CA THR A 148 34.06 7.22 8.29
C THR A 148 33.24 7.66 7.08
N TRP A 149 32.40 8.68 7.26
CA TRP A 149 31.45 9.12 6.23
C TRP A 149 31.00 10.56 6.51
N GLY A 150 30.12 11.09 5.65
CA GLY A 150 29.72 12.48 5.68
C GLY A 150 28.39 12.77 6.42
N LEU A 151 27.89 13.99 6.19
CA LEU A 151 26.72 14.48 6.93
C LEU A 151 25.45 13.70 6.60
N GLY A 152 24.63 13.47 7.63
CA GLY A 152 23.32 12.89 7.42
C GLY A 152 22.91 11.78 8.36
N GLY A 153 23.88 11.19 9.08
CA GLY A 153 23.57 10.24 10.14
C GLY A 153 23.55 8.80 9.68
N THR A 154 22.99 7.95 10.56
CA THR A 154 23.07 6.50 10.35
C THR A 154 22.26 6.04 9.14
N CYS A 155 21.02 6.51 9.00
CA CYS A 155 20.16 6.06 7.90
C CYS A 155 20.79 6.35 6.54
N VAL A 156 21.15 7.62 6.31
CA VAL A 156 21.70 8.08 5.03
C VAL A 156 22.95 7.29 4.62
N ASN A 157 23.91 7.15 5.55
CA ASN A 157 25.27 6.66 5.27
C ASN A 157 25.46 5.16 5.50
N VAL A 158 24.91 4.61 6.59
CA VAL A 158 25.20 3.21 6.92
C VAL A 158 23.95 2.50 7.42
N GLY A 159 22.78 2.89 6.89
CA GLY A 159 21.51 2.36 7.35
C GLY A 159 20.46 2.16 6.27
N CYS A 160 19.26 2.75 6.43
CA CYS A 160 18.13 2.46 5.53
C CYS A 160 18.48 2.61 4.06
N ILE A 161 19.23 3.67 3.70
CA ILE A 161 19.45 3.98 2.28
C ILE A 161 20.34 2.93 1.62
N PRO A 162 21.60 2.69 2.05
CA PRO A 162 22.40 1.64 1.36
C PRO A 162 21.82 0.24 1.52
N LYS A 163 21.22 -0.06 2.68
CA LYS A 163 20.61 -1.38 2.90
C LYS A 163 19.52 -1.68 1.88
N LYS A 164 18.61 -0.73 1.64
CA LYS A 164 17.54 -0.97 0.67
C LYS A 164 18.06 -0.99 -0.77
N LEU A 165 19.10 -0.21 -1.07
CA LEU A 165 19.69 -0.29 -2.40
C LEU A 165 20.34 -1.65 -2.66
N MET A 166 21.09 -2.19 -1.68
CA MET A 166 21.61 -3.54 -1.84
C MET A 166 20.50 -4.59 -1.87
N HIS A 167 19.43 -4.41 -1.08
CA HIS A 167 18.28 -5.31 -1.19
C HIS A 167 17.72 -5.30 -2.61
N GLN A 168 17.61 -4.10 -3.22
CA GLN A 168 17.13 -4.02 -4.60
C GLN A 168 18.07 -4.76 -5.56
N ALA A 169 19.39 -4.66 -5.35
CA ALA A 169 20.30 -5.43 -6.20
C ALA A 169 20.02 -6.93 -6.09
N GLY A 170 19.69 -7.40 -4.88
CA GLY A 170 19.36 -8.80 -4.71
C GLY A 170 18.03 -9.18 -5.34
N LEU A 171 17.02 -8.31 -5.20
CA LEU A 171 15.73 -8.60 -5.83
C LEU A 171 15.87 -8.72 -7.35
N LEU A 172 16.77 -7.95 -7.96
CA LEU A 172 16.90 -8.04 -9.40
C LEU A 172 17.40 -9.39 -9.88
N SER A 173 18.06 -10.18 -9.03
CA SER A 173 18.47 -11.52 -9.45
C SER A 173 17.24 -12.37 -9.76
N HIS A 174 16.18 -12.23 -8.96
CA HIS A 174 14.96 -12.98 -9.20
C HIS A 174 14.21 -12.43 -10.41
N ALA A 175 14.31 -11.12 -10.66
CA ALA A 175 13.72 -10.57 -11.87
C ALA A 175 14.38 -11.14 -13.13
N LEU A 176 15.71 -11.31 -13.11
CA LEU A 176 16.41 -11.95 -14.22
C LEU A 176 15.91 -13.37 -14.45
N GLU A 177 15.73 -14.13 -13.37
CA GLU A 177 15.16 -15.48 -13.46
C GLU A 177 13.73 -15.44 -14.02
N ASP A 178 12.91 -14.53 -13.48
CA ASP A 178 11.50 -14.46 -13.89
C ASP A 178 11.37 -14.08 -15.37
N ALA A 179 12.32 -13.29 -15.87
CA ALA A 179 12.21 -12.76 -17.23
C ALA A 179 12.14 -13.87 -18.28
N GLU A 180 12.89 -14.96 -18.07
CA GLU A 180 12.85 -16.09 -19.00
C GLU A 180 11.43 -16.63 -19.18
N HIS A 181 10.71 -16.82 -18.08
CA HIS A 181 9.37 -17.40 -18.19
C HIS A 181 8.40 -16.45 -18.87
N PHE A 182 8.61 -15.14 -18.76
CA PHE A 182 7.75 -14.17 -19.41
C PHE A 182 8.15 -13.89 -20.85
N GLY A 183 9.10 -14.65 -21.40
CA GLY A 183 9.45 -14.57 -22.81
C GLY A 183 10.78 -13.93 -23.18
N TRP A 184 11.56 -13.41 -22.24
CA TRP A 184 12.83 -12.76 -22.60
C TRP A 184 13.94 -13.81 -22.81
N SER A 185 14.85 -13.51 -23.75
CA SER A 185 15.80 -14.49 -24.27
C SER A 185 17.07 -14.67 -23.42
N LEU A 186 17.33 -13.82 -22.42
CA LEU A 186 18.52 -13.94 -21.57
C LEU A 186 18.69 -15.33 -20.98
N ASP A 187 19.88 -15.66 -20.49
CA ASP A 187 20.18 -16.93 -19.82
C ASP A 187 20.75 -16.66 -18.43
N ARG A 188 19.88 -16.66 -17.42
CA ARG A 188 20.23 -16.33 -16.04
C ARG A 188 21.51 -17.01 -15.54
N SER A 189 21.83 -18.19 -16.10
CA SER A 189 22.97 -18.96 -15.61
C SER A 189 24.31 -18.32 -15.95
N LYS A 190 24.42 -17.65 -17.09
CA LYS A 190 25.69 -17.07 -17.52
C LYS A 190 25.86 -15.61 -17.12
N ILE A 191 25.15 -15.16 -16.08
CA ILE A 191 25.23 -13.79 -15.59
C ILE A 191 25.77 -13.81 -14.17
N SER A 192 26.70 -12.90 -13.87
CA SER A 192 27.31 -12.78 -12.55
C SER A 192 27.17 -11.36 -12.03
N HIS A 193 27.51 -11.18 -10.75
CA HIS A 193 27.38 -9.89 -10.08
C HIS A 193 28.75 -9.34 -9.67
N ASN A 194 28.94 -8.02 -9.86
CA ASN A 194 30.19 -7.33 -9.53
C ASN A 194 29.93 -6.44 -8.31
N TRP A 195 30.45 -6.86 -7.15
CA TRP A 195 30.20 -6.14 -5.89
C TRP A 195 30.67 -4.69 -5.96
N SER A 196 31.89 -4.47 -6.44
CA SER A 196 32.46 -3.12 -6.38
C SER A 196 31.72 -2.13 -7.29
N THR A 197 31.22 -2.59 -8.45
CA THR A 197 30.35 -1.74 -9.27
C THR A 197 29.10 -1.32 -8.51
N MET A 198 28.45 -2.27 -7.81
CA MET A 198 27.32 -1.91 -6.93
C MET A 198 27.70 -0.86 -5.90
N VAL A 199 28.76 -1.11 -5.12
CA VAL A 199 29.14 -0.20 -4.04
C VAL A 199 29.44 1.20 -4.60
N GLU A 200 30.09 1.28 -5.76
CA GLU A 200 30.38 2.60 -6.35
C GLU A 200 29.08 3.37 -6.62
N GLY A 201 28.07 2.68 -7.14
CA GLY A 201 26.81 3.36 -7.41
C GLY A 201 26.07 3.77 -6.16
N VAL A 202 26.08 2.91 -5.14
CA VAL A 202 25.46 3.25 -3.86
C VAL A 202 26.16 4.47 -3.25
N GLN A 203 27.50 4.43 -3.18
CA GLN A 203 28.26 5.51 -2.57
C GLN A 203 28.12 6.82 -3.34
N SER A 204 27.95 6.75 -4.66
CA SER A 204 27.70 7.97 -5.40
C SER A 204 26.38 8.62 -5.00
N HIS A 205 25.33 7.81 -4.80
CA HIS A 205 24.05 8.39 -4.34
C HIS A 205 24.19 8.92 -2.93
N ILE A 206 24.88 8.21 -2.04
CA ILE A 206 25.06 8.69 -0.68
C ILE A 206 25.81 10.02 -0.67
N GLY A 207 26.82 10.16 -1.54
CA GLY A 207 27.54 11.41 -1.63
C GLY A 207 26.66 12.56 -2.07
N SER A 208 25.70 12.29 -2.98
CA SER A 208 24.77 13.35 -3.36
C SER A 208 23.87 13.75 -2.19
N LEU A 209 23.62 12.84 -1.24
CA LEU A 209 22.84 13.22 -0.07
C LEU A 209 23.68 14.02 0.93
N ASN A 210 24.93 13.61 1.19
CA ASN A 210 25.84 14.40 2.03
C ASN A 210 25.87 15.85 1.56
N TRP A 211 26.13 16.05 0.27
CA TRP A 211 26.17 17.39 -0.34
C TRP A 211 24.85 18.13 -0.19
N GLY A 212 23.74 17.45 -0.51
CA GLY A 212 22.42 18.07 -0.43
C GLY A 212 22.07 18.58 0.96
N TYR A 213 22.49 17.88 2.01
CA TYR A 213 22.26 18.40 3.36
C TYR A 213 23.11 19.63 3.67
N LYS A 214 24.37 19.67 3.21
CA LYS A 214 25.18 20.87 3.41
C LYS A 214 24.57 22.08 2.70
N VAL A 215 24.02 21.86 1.49
CA VAL A 215 23.38 22.96 0.76
C VAL A 215 22.12 23.40 1.48
N ALA A 216 21.35 22.45 2.02
CA ALA A 216 20.12 22.79 2.73
C ALA A 216 20.39 23.62 3.98
N LEU A 217 21.46 23.31 4.73
CA LEU A 217 21.75 24.09 5.93
C LEU A 217 22.22 25.50 5.56
N ARG A 218 23.13 25.60 4.59
CA ARG A 218 23.53 26.89 4.03
C ARG A 218 22.32 27.73 3.61
N ASP A 219 21.39 27.15 2.85
CA ASP A 219 20.27 27.93 2.35
C ASP A 219 19.29 28.32 3.45
N ASN A 220 19.28 27.64 4.60
CA ASN A 220 18.48 28.03 5.75
C ASN A 220 19.26 28.88 6.77
N GLN A 221 20.49 29.32 6.44
CA GLN A 221 21.32 30.10 7.37
C GLN A 221 21.58 29.37 8.69
N VAL A 222 21.78 28.05 8.63
CA VAL A 222 22.17 27.25 9.78
C VAL A 222 23.68 27.10 9.78
N THR A 223 24.32 27.36 10.92
CA THR A 223 25.77 27.17 11.04
C THR A 223 26.07 25.68 11.19
N TYR A 224 26.85 25.12 10.27
CA TYR A 224 27.26 23.73 10.36
C TYR A 224 28.71 23.64 10.84
N LEU A 225 28.91 23.00 11.98
CA LEU A 225 30.23 22.75 12.53
C LEU A 225 30.50 21.25 12.49
N ASN A 226 31.50 20.83 11.72
CA ASN A 226 31.94 19.44 11.72
C ASN A 226 32.93 19.27 12.88
N ALA A 227 32.35 19.10 14.07
CA ALA A 227 33.06 19.10 15.34
C ALA A 227 32.26 18.27 16.35
N LYS A 228 32.96 17.71 17.33
CA LYS A 228 32.33 16.91 18.38
C LYS A 228 31.85 17.79 19.53
N GLY A 229 30.58 17.62 19.93
CA GLY A 229 29.98 18.42 20.99
C GLY A 229 29.90 17.71 22.34
N ARG A 230 30.04 18.50 23.41
CA ARG A 230 29.91 17.99 24.77
C ARG A 230 29.15 19.01 25.62
N LEU A 231 28.04 18.59 26.23
CA LEU A 231 27.24 19.50 27.06
C LEU A 231 27.83 19.55 28.47
N ILE A 232 28.37 20.71 28.85
CA ILE A 232 29.09 20.86 30.12
C ILE A 232 28.30 21.63 31.17
N SER A 233 27.29 22.39 30.78
CA SER A 233 26.30 22.96 31.69
C SER A 233 25.05 23.17 30.87
N PRO A 234 23.93 23.59 31.49
CA PRO A 234 22.67 23.64 30.71
C PRO A 234 22.76 24.41 29.41
N HIS A 235 23.55 25.49 29.35
CA HIS A 235 23.60 26.34 28.17
C HIS A 235 24.96 26.33 27.47
N GLU A 236 25.93 25.53 27.91
CA GLU A 236 27.30 25.58 27.40
C GLU A 236 27.68 24.28 26.70
N VAL A 237 28.11 24.39 25.45
CA VAL A 237 28.50 23.24 24.63
C VAL A 237 29.97 23.39 24.26
N GLN A 238 30.80 22.50 24.78
CA GLN A 238 32.22 22.43 24.42
C GLN A 238 32.39 21.69 23.09
N ILE A 239 33.13 22.30 22.16
CA ILE A 239 33.31 21.73 20.83
C ILE A 239 34.79 21.44 20.61
N THR A 240 35.08 20.31 19.96
CA THR A 240 36.44 19.93 19.61
C THR A 240 36.54 19.77 18.09
N ASP A 241 37.50 20.50 17.50
CA ASP A 241 37.81 20.67 16.08
C ASP A 241 38.46 19.45 15.44
N LYS A 242 38.57 19.50 14.11
CA LYS A 242 39.38 18.53 13.39
C LYS A 242 40.87 18.72 13.62
N ASN A 243 41.28 19.88 14.15
CA ASN A 243 42.64 20.11 14.62
C ASN A 243 42.74 20.03 16.13
N GLN A 244 41.69 19.53 16.79
CA GLN A 244 41.61 19.36 18.24
C GLN A 244 41.66 20.70 18.99
N LYS A 245 41.25 21.78 18.33
CA LYS A 245 41.00 23.04 19.03
C LYS A 245 39.72 22.93 19.85
N VAL A 246 39.81 23.29 21.13
CA VAL A 246 38.68 23.22 22.06
C VAL A 246 38.16 24.64 22.28
N SER A 247 36.83 24.79 22.28
CA SER A 247 36.20 26.07 22.57
C SER A 247 34.78 25.81 23.09
N THR A 248 34.08 26.88 23.45
CA THR A 248 32.77 26.80 24.08
C THR A 248 31.81 27.74 23.38
N ILE A 249 30.62 27.25 23.00
CA ILE A 249 29.53 28.07 22.48
C ILE A 249 28.34 27.94 23.42
N THR A 250 27.48 28.96 23.44
CA THR A 250 26.29 28.96 24.28
C THR A 250 25.02 28.97 23.42
N GLY A 251 23.96 28.38 23.96
CA GLY A 251 22.67 28.38 23.30
C GLY A 251 21.55 28.39 24.31
N ASN A 252 20.42 28.96 23.89
CA ASN A 252 19.24 28.99 24.76
C ASN A 252 18.65 27.59 24.93
N LYS A 253 18.19 26.97 23.82
CA LYS A 253 17.70 25.60 23.82
C LYS A 253 18.78 24.65 23.27
N ILE A 254 18.86 23.45 23.84
CA ILE A 254 19.75 22.39 23.38
C ILE A 254 18.91 21.20 22.96
N ILE A 255 19.21 20.62 21.79
CA ILE A 255 18.60 19.35 21.36
C ILE A 255 19.70 18.30 21.22
N LEU A 256 19.60 17.24 22.00
CA LEU A 256 20.51 16.09 21.89
C LEU A 256 19.95 15.11 20.86
N ALA A 257 20.73 14.84 19.81
CA ALA A 257 20.28 13.97 18.71
C ALA A 257 21.47 13.17 18.17
N THR A 258 22.18 12.47 19.06
CA THR A 258 23.47 11.87 18.75
C THR A 258 23.41 10.40 18.33
N GLY A 259 22.23 9.77 18.38
CA GLY A 259 22.04 8.38 17.92
C GLY A 259 22.92 7.35 18.63
N GLU A 260 23.16 6.22 17.93
CA GLU A 260 23.77 5.01 18.48
C GLU A 260 24.85 4.47 17.54
N ARG A 261 25.63 3.51 18.02
CA ARG A 261 26.62 2.80 17.19
C ARG A 261 26.56 1.32 17.50
N PRO A 262 27.08 0.47 16.60
CA PRO A 262 26.98 -0.99 16.80
C PRO A 262 27.76 -1.47 18.02
N LYS A 263 27.25 -2.55 18.63
CA LYS A 263 27.91 -3.29 19.70
C LYS A 263 28.81 -4.40 19.17
N TYR A 264 29.90 -4.68 19.91
CA TYR A 264 30.73 -5.88 19.72
C TYR A 264 30.64 -6.77 20.95
N PRO A 265 30.56 -8.08 20.78
CA PRO A 265 30.67 -8.96 21.96
C PRO A 265 32.10 -8.96 22.50
N GLU A 266 32.22 -9.20 23.81
CA GLU A 266 33.52 -9.21 24.48
C GLU A 266 34.14 -10.61 24.37
N ILE A 267 34.73 -10.86 23.22
CA ILE A 267 35.47 -12.11 22.96
C ILE A 267 36.75 -11.76 22.21
N PRO A 268 37.77 -12.61 22.35
CA PRO A 268 39.03 -12.39 21.62
C PRO A 268 38.81 -12.35 20.11
N GLY A 269 39.40 -11.35 19.46
CA GLY A 269 39.41 -11.27 18.00
C GLY A 269 38.22 -10.54 17.37
N ALA A 270 37.21 -10.15 18.15
CA ALA A 270 36.00 -9.56 17.56
C ALA A 270 36.29 -8.17 16.99
N VAL A 271 36.88 -7.28 17.80
CA VAL A 271 37.15 -5.91 17.35
C VAL A 271 38.26 -5.88 16.29
N GLU A 272 39.24 -6.78 16.42
CA GLU A 272 40.41 -6.81 15.54
C GLU A 272 40.09 -7.37 14.15
N TYR A 273 39.27 -8.42 14.08
CA TYR A 273 39.13 -9.14 12.83
C TYR A 273 37.72 -9.19 12.24
N GLY A 274 36.67 -8.84 13.02
CA GLY A 274 35.33 -8.75 12.46
C GLY A 274 34.97 -7.32 12.01
N ILE A 275 33.81 -7.17 11.38
CA ILE A 275 33.28 -5.86 10.98
C ILE A 275 31.84 -5.75 11.47
N THR A 276 31.23 -4.57 11.27
CA THR A 276 29.81 -4.36 11.54
C THR A 276 29.15 -3.78 10.29
N SER A 277 27.85 -3.50 10.40
CA SER A 277 27.15 -2.82 9.32
C SER A 277 27.77 -1.45 9.01
N ASP A 278 28.42 -0.80 9.99
CA ASP A 278 29.08 0.50 9.70
C ASP A 278 30.12 0.36 8.57
N ASP A 279 30.78 -0.80 8.47
CA ASP A 279 31.84 -1.01 7.48
C ASP A 279 31.32 -1.64 6.19
N LEU A 280 30.18 -2.37 6.26
CA LEU A 280 29.75 -3.23 5.15
C LEU A 280 29.37 -2.42 3.91
N PHE A 281 28.70 -1.28 4.10
CA PHE A 281 28.10 -0.59 2.96
C PHE A 281 29.11 0.20 2.12
N SER A 282 30.37 0.33 2.55
CA SER A 282 31.43 0.89 1.70
C SER A 282 32.59 -0.09 1.50
N LEU A 283 32.39 -1.37 1.76
CA LEU A 283 33.51 -2.34 1.73
C LEU A 283 34.11 -2.41 0.33
N PRO A 284 35.43 -2.27 0.18
CA PRO A 284 36.00 -2.27 -1.19
C PRO A 284 36.01 -3.64 -1.88
N TYR A 285 35.88 -4.75 -1.15
CA TYR A 285 35.92 -6.10 -1.71
C TYR A 285 34.65 -6.85 -1.34
N PHE A 286 34.27 -7.82 -2.16
CA PHE A 286 33.12 -8.65 -1.83
C PHE A 286 33.43 -9.44 -0.56
N PRO A 287 32.51 -9.49 0.41
CA PRO A 287 32.81 -10.20 1.68
C PRO A 287 33.25 -11.64 1.50
N GLY A 288 32.82 -12.33 0.45
CA GLY A 288 33.08 -13.76 0.29
C GLY A 288 32.20 -14.61 1.18
N LYS A 289 32.71 -15.80 1.54
CA LYS A 289 32.00 -16.64 2.50
C LYS A 289 31.92 -15.94 3.85
N THR A 290 30.70 -15.72 4.32
CA THR A 290 30.40 -14.77 5.38
C THR A 290 29.63 -15.43 6.51
N LEU A 291 30.01 -15.09 7.75
CA LEU A 291 29.24 -15.43 8.93
C LEU A 291 28.63 -14.15 9.49
N VAL A 292 27.31 -14.17 9.70
CA VAL A 292 26.60 -13.08 10.37
C VAL A 292 26.23 -13.57 11.77
N ILE A 293 26.71 -12.88 12.79
CA ILE A 293 26.43 -13.24 14.18
C ILE A 293 25.35 -12.29 14.71
N GLY A 294 24.21 -12.85 15.10
CA GLY A 294 23.06 -12.09 15.54
C GLY A 294 21.81 -12.42 14.73
N ALA A 295 20.69 -11.87 15.19
CA ALA A 295 19.39 -12.28 14.66
C ALA A 295 18.39 -11.13 14.60
N SER A 296 18.83 -9.89 14.74
CA SER A 296 18.05 -8.68 14.59
C SER A 296 17.65 -8.48 13.13
N TYR A 297 16.77 -7.50 12.88
CA TYR A 297 16.44 -7.19 11.49
C TYR A 297 17.69 -6.80 10.69
N VAL A 298 18.68 -6.19 11.34
CA VAL A 298 19.92 -5.81 10.65
C VAL A 298 20.68 -7.06 10.21
N ALA A 299 20.83 -8.05 11.11
CA ALA A 299 21.49 -9.31 10.77
C ALA A 299 20.82 -9.98 9.58
N LEU A 300 19.49 -10.14 9.64
CA LEU A 300 18.75 -10.87 8.62
C LEU A 300 18.71 -10.13 7.28
N GLU A 301 18.54 -8.79 7.31
CA GLU A 301 18.53 -8.05 6.04
C GLU A 301 19.88 -8.18 5.33
N CYS A 302 20.98 -8.09 6.07
CA CYS A 302 22.30 -8.17 5.43
C CYS A 302 22.59 -9.59 4.93
N ALA A 303 22.29 -10.61 5.74
CA ALA A 303 22.47 -11.99 5.28
C ALA A 303 21.62 -12.26 4.05
N GLY A 304 20.41 -11.69 4.00
CA GLY A 304 19.53 -11.90 2.86
C GLY A 304 20.08 -11.38 1.54
N PHE A 305 20.50 -10.09 1.50
CA PHE A 305 20.97 -9.63 0.20
C PHE A 305 22.32 -10.24 -0.17
N LEU A 306 23.18 -10.54 0.80
CA LEU A 306 24.45 -11.20 0.45
C LEU A 306 24.20 -12.54 -0.22
N ALA A 307 23.18 -13.28 0.22
CA ALA A 307 22.87 -14.57 -0.40
C ALA A 307 22.33 -14.39 -1.82
N SER A 308 21.45 -13.42 -2.01
CA SER A 308 20.93 -13.14 -3.35
C SER A 308 22.02 -12.67 -4.30
N LEU A 309 23.09 -12.06 -3.79
CA LEU A 309 24.19 -11.63 -4.66
C LEU A 309 25.25 -12.72 -4.87
N GLY A 310 24.97 -13.97 -4.50
CA GLY A 310 25.87 -15.07 -4.78
C GLY A 310 26.72 -15.52 -3.61
N GLY A 311 26.51 -14.97 -2.43
CA GLY A 311 27.39 -15.28 -1.31
C GLY A 311 27.03 -16.58 -0.62
N ASP A 312 28.04 -17.20 -0.03
CA ASP A 312 27.90 -18.36 0.85
C ASP A 312 27.75 -17.79 2.26
N VAL A 313 26.55 -17.86 2.84
CA VAL A 313 26.20 -17.08 4.03
C VAL A 313 25.64 -17.98 5.13
N THR A 314 26.12 -17.78 6.36
CA THR A 314 25.59 -18.43 7.57
C THR A 314 25.23 -17.37 8.61
N VAL A 315 24.11 -17.59 9.30
CA VAL A 315 23.65 -16.76 10.42
C VAL A 315 23.74 -17.58 11.70
N MET A 316 24.42 -17.05 12.73
CA MET A 316 24.57 -17.74 14.00
C MET A 316 23.60 -17.11 15.00
N VAL A 317 22.64 -17.90 15.48
CA VAL A 317 21.48 -17.42 16.23
C VAL A 317 21.58 -17.87 17.70
N ARG A 318 21.67 -16.90 18.63
CA ARG A 318 21.74 -17.22 20.05
C ARG A 318 20.47 -17.93 20.54
N SER A 319 19.29 -17.32 20.35
CA SER A 319 18.03 -17.96 20.75
C SER A 319 17.02 -17.96 19.60
N ILE A 320 16.37 -16.81 19.35
CA ILE A 320 15.29 -16.73 18.36
C ILE A 320 15.61 -15.63 17.33
N LEU A 321 14.86 -15.66 16.22
CA LEU A 321 14.89 -14.60 15.21
C LEU A 321 13.97 -13.45 15.61
N LEU A 322 14.41 -12.22 15.34
CA LEU A 322 13.54 -11.04 15.42
C LEU A 322 12.83 -10.94 16.78
N ARG A 323 13.59 -11.09 17.87
CA ARG A 323 13.07 -10.88 19.21
C ARG A 323 12.31 -9.57 19.31
N GLY A 324 11.09 -9.63 19.83
CA GLY A 324 10.22 -8.47 19.92
C GLY A 324 9.20 -8.33 18.80
N PHE A 325 9.37 -9.04 17.69
CA PHE A 325 8.38 -9.11 16.61
C PHE A 325 7.52 -10.36 16.77
N ASP A 326 6.34 -10.37 16.14
CA ASP A 326 5.46 -11.54 16.10
C ASP A 326 6.26 -12.79 15.71
N GLN A 327 6.27 -13.81 16.57
CA GLN A 327 7.18 -14.93 16.35
C GLN A 327 6.72 -15.90 15.26
N GLN A 328 5.42 -16.00 14.99
CA GLN A 328 5.00 -16.78 13.82
C GLN A 328 5.52 -16.14 12.54
N MET A 329 5.37 -14.81 12.40
CA MET A 329 5.95 -14.11 11.25
C MET A 329 7.47 -14.27 11.18
N ALA A 330 8.18 -14.17 12.30
CA ALA A 330 9.64 -14.30 12.27
C ALA A 330 10.06 -15.65 11.72
N GLU A 331 9.35 -16.71 12.10
CA GLU A 331 9.69 -18.06 11.64
C GLU A 331 9.41 -18.25 10.15
N LYS A 332 8.29 -17.68 9.66
CA LYS A 332 8.07 -17.69 8.21
C LYS A 332 9.16 -16.93 7.47
N VAL A 333 9.64 -15.81 8.04
CA VAL A 333 10.72 -15.06 7.40
C VAL A 333 11.98 -15.92 7.30
N GLY A 334 12.35 -16.59 8.40
CA GLY A 334 13.55 -17.43 8.39
C GLY A 334 13.44 -18.66 7.52
N ASP A 335 12.27 -19.32 7.51
CA ASP A 335 12.08 -20.49 6.63
C ASP A 335 12.25 -20.14 5.16
N TYR A 336 11.71 -19.00 4.72
CA TYR A 336 11.96 -18.58 3.35
C TYR A 336 13.46 -18.39 3.08
N MET A 337 14.17 -17.65 3.96
CA MET A 337 15.61 -17.48 3.73
C MET A 337 16.35 -18.80 3.67
N GLU A 338 16.01 -19.73 4.57
CA GLU A 338 16.69 -21.04 4.59
C GLU A 338 16.42 -21.83 3.31
N ASN A 339 15.20 -21.73 2.79
CA ASN A 339 14.88 -22.40 1.53
C ASN A 339 15.60 -21.79 0.35
N HIS A 340 15.99 -20.52 0.42
CA HIS A 340 16.70 -19.83 -0.65
C HIS A 340 18.17 -19.57 -0.33
N GLY A 341 18.84 -20.49 0.37
CA GLY A 341 20.29 -20.53 0.42
C GLY A 341 20.94 -20.12 1.74
N VAL A 342 20.28 -19.33 2.57
CA VAL A 342 20.90 -18.91 3.84
C VAL A 342 20.94 -20.08 4.83
N LYS A 343 22.13 -20.35 5.38
CA LYS A 343 22.29 -21.39 6.39
C LYS A 343 22.23 -20.80 7.79
N PHE A 344 21.69 -21.57 8.73
CA PHE A 344 21.50 -21.10 10.10
C PHE A 344 22.19 -22.05 11.08
N ALA A 345 22.96 -21.47 12.01
CA ALA A 345 23.54 -22.22 13.14
C ALA A 345 22.77 -21.82 14.38
N LYS A 346 21.81 -22.66 14.76
CA LYS A 346 20.77 -22.31 15.72
C LYS A 346 21.17 -22.63 17.15
N LEU A 347 20.75 -21.78 18.09
CA LEU A 347 21.10 -21.91 19.51
C LEU A 347 22.62 -21.98 19.69
N CYS A 348 23.34 -20.99 19.13
CA CYS A 348 24.79 -21.03 19.05
C CYS A 348 25.36 -19.63 19.31
N VAL A 349 26.53 -19.58 19.97
CA VAL A 349 27.17 -18.33 20.41
C VAL A 349 28.66 -18.38 20.07
N PRO A 350 29.31 -17.25 19.70
CA PRO A 350 30.75 -17.29 19.38
C PRO A 350 31.63 -17.19 20.62
N ASP A 351 32.75 -17.93 20.62
CA ASP A 351 33.74 -17.84 21.69
C ASP A 351 35.02 -17.10 21.33
N GLU A 352 35.47 -17.18 20.07
CA GLU A 352 36.68 -16.47 19.67
C GLU A 352 36.80 -16.47 18.15
N ILE A 353 37.45 -15.42 17.62
CA ILE A 353 37.78 -15.29 16.19
C ILE A 353 39.31 -15.32 16.07
N LYS A 354 39.85 -16.21 15.24
CA LYS A 354 41.30 -16.24 14.98
C LYS A 354 41.61 -15.82 13.55
N GLN A 355 42.73 -15.10 13.37
CA GLN A 355 43.12 -14.62 12.04
C GLN A 355 44.00 -15.63 11.33
N LEU A 356 43.56 -16.10 10.16
CA LEU A 356 44.35 -16.99 9.32
C LEU A 356 45.05 -16.27 8.16
N LYS A 357 44.44 -15.19 7.64
CA LYS A 357 44.99 -14.35 6.57
C LYS A 357 44.61 -12.90 6.86
N VAL A 358 45.58 -11.99 6.68
CA VAL A 358 45.29 -10.55 6.75
C VAL A 358 44.53 -10.12 5.49
N VAL A 359 43.70 -9.07 5.62
CA VAL A 359 43.00 -8.51 4.47
C VAL A 359 44.01 -8.00 3.43
N ASP A 360 43.73 -8.29 2.15
CA ASP A 360 44.62 -7.95 1.03
C ASP A 360 44.12 -6.65 0.40
N THR A 361 44.60 -5.51 0.93
CA THR A 361 44.09 -4.22 0.48
C THR A 361 44.52 -3.92 -0.96
N GLU A 362 45.74 -4.30 -1.32
CA GLU A 362 46.24 -4.08 -2.67
C GLU A 362 45.39 -4.80 -3.70
N ASN A 363 45.39 -6.14 -3.68
CA ASN A 363 44.64 -6.93 -4.64
C ASN A 363 43.13 -6.91 -4.39
N ASN A 364 42.68 -6.22 -3.35
CA ASN A 364 41.24 -6.00 -3.10
C ASN A 364 40.50 -7.30 -2.81
N LYS A 365 40.95 -8.00 -1.77
CA LYS A 365 40.44 -9.32 -1.43
C LYS A 365 40.33 -9.42 0.09
N PRO A 366 39.35 -10.19 0.60
CA PRO A 366 39.22 -10.33 2.06
C PRO A 366 40.32 -11.20 2.65
N GLY A 367 40.35 -11.35 3.96
CA GLY A 367 41.26 -12.26 4.64
C GLY A 367 40.63 -13.62 4.86
N LEU A 368 41.00 -14.25 5.98
CA LEU A 368 40.43 -15.55 6.34
C LEU A 368 40.46 -15.71 7.86
N LEU A 369 39.36 -16.23 8.41
CA LEU A 369 39.20 -16.33 9.85
C LEU A 369 38.73 -17.72 10.24
N LEU A 370 39.08 -18.11 11.47
CA LEU A 370 38.54 -19.31 12.11
C LEU A 370 37.65 -18.86 13.26
N VAL A 371 36.39 -19.29 13.25
CA VAL A 371 35.43 -18.95 14.30
C VAL A 371 35.17 -20.20 15.13
N LYS A 372 35.36 -20.09 16.45
CA LYS A 372 35.02 -21.15 17.38
C LYS A 372 33.89 -20.70 18.30
N GLY A 373 32.94 -21.61 18.54
CA GLY A 373 31.78 -21.31 19.37
C GLY A 373 31.19 -22.57 20.02
N HIS A 374 30.02 -22.45 20.65
CA HIS A 374 29.34 -23.63 21.19
C HIS A 374 27.82 -23.48 21.17
N TYR A 375 27.13 -24.59 20.91
CA TYR A 375 25.68 -24.68 21.04
C TYR A 375 25.27 -24.78 22.52
N THR A 376 23.98 -24.53 22.79
CA THR A 376 23.53 -24.41 24.18
C THR A 376 23.63 -25.74 24.93
N ASP A 377 23.69 -26.87 24.22
CA ASP A 377 23.87 -28.17 24.85
C ASP A 377 25.34 -28.51 25.11
N GLY A 378 26.26 -27.65 24.68
CA GLY A 378 27.66 -27.84 24.95
C GLY A 378 28.49 -28.34 23.77
N LYS A 379 27.87 -28.86 22.71
CA LYS A 379 28.64 -29.23 21.53
C LYS A 379 29.38 -28.02 20.97
N LYS A 380 30.44 -28.29 20.20
CA LYS A 380 31.35 -27.27 19.71
C LYS A 380 31.03 -26.87 18.28
N PHE A 381 31.31 -25.61 17.96
CA PHE A 381 31.22 -25.04 16.62
C PHE A 381 32.62 -24.60 16.21
N GLU A 382 33.05 -24.96 15.00
CA GLU A 382 34.35 -24.53 14.47
C GLU A 382 34.28 -24.50 12.95
N GLU A 383 34.49 -23.32 12.35
CA GLU A 383 34.37 -23.17 10.90
C GLU A 383 35.16 -21.95 10.44
N GLU A 384 35.64 -22.01 9.18
CA GLU A 384 36.39 -20.94 8.52
C GLU A 384 35.46 -20.03 7.70
N PHE A 385 35.70 -18.71 7.78
CA PHE A 385 34.96 -17.71 6.99
C PHE A 385 35.93 -16.64 6.49
N GLU A 386 35.57 -15.99 5.37
CA GLU A 386 36.38 -14.85 4.92
C GLU A 386 36.00 -13.55 5.62
N THR A 387 34.72 -13.40 6.00
CA THR A 387 34.22 -12.19 6.66
C THR A 387 33.29 -12.58 7.81
N VAL A 388 33.41 -11.86 8.93
CA VAL A 388 32.55 -12.06 10.08
C VAL A 388 31.88 -10.73 10.41
N ILE A 389 30.55 -10.68 10.33
CA ILE A 389 29.77 -9.46 10.57
C ILE A 389 29.03 -9.59 11.90
N PHE A 390 29.27 -8.67 12.82
CA PHE A 390 28.57 -8.65 14.11
C PHE A 390 27.34 -7.76 14.00
N ALA A 391 26.16 -8.34 14.28
CA ALA A 391 24.92 -7.57 14.36
C ALA A 391 24.21 -7.97 15.66
N VAL A 392 24.74 -7.50 16.79
CA VAL A 392 24.32 -7.94 18.12
C VAL A 392 23.79 -6.75 18.92
N GLY A 393 23.26 -5.74 18.26
CA GLY A 393 22.63 -4.62 18.92
C GLY A 393 23.42 -3.33 18.75
N ARG A 394 22.81 -2.25 19.21
CA ARG A 394 23.33 -0.89 19.08
C ARG A 394 23.12 -0.19 20.42
N GLU A 395 23.96 0.80 20.72
CA GLU A 395 23.89 1.45 22.02
C GLU A 395 24.36 2.90 21.90
N PRO A 396 23.83 3.79 22.74
CA PRO A 396 24.35 5.16 22.78
C PRO A 396 25.60 5.21 23.63
N GLN A 397 26.34 6.30 23.51
CA GLN A 397 27.51 6.47 24.36
C GLN A 397 27.46 7.89 24.95
N LEU A 398 26.40 8.13 25.74
CA LEU A 398 26.14 9.49 26.18
C LEU A 398 27.18 10.01 27.17
N SER A 399 28.06 9.15 27.68
CA SER A 399 29.18 9.63 28.49
C SER A 399 30.15 10.48 27.66
N LYS A 400 30.25 10.23 26.35
CA LYS A 400 31.05 11.07 25.47
C LYS A 400 30.36 12.38 25.10
N VAL A 401 29.10 12.57 25.49
CA VAL A 401 28.31 13.68 25.00
C VAL A 401 27.86 14.62 26.13
N LEU A 402 27.81 14.13 27.36
CA LEU A 402 26.95 14.72 28.38
C LEU A 402 27.66 14.59 29.72
N CYS A 403 28.14 15.72 30.24
CA CYS A 403 28.85 15.68 31.53
C CYS A 403 27.85 15.40 32.65
N GLU A 404 28.27 14.60 33.63
CA GLU A 404 27.32 14.09 34.62
C GLU A 404 26.76 15.21 35.50
N THR A 405 27.50 16.31 35.68
CA THR A 405 27.05 17.38 36.54
C THR A 405 25.94 18.22 35.92
N VAL A 406 25.63 18.05 34.64
CA VAL A 406 24.55 18.83 34.04
C VAL A 406 23.20 18.46 34.66
N GLY A 407 23.03 17.19 35.02
CA GLY A 407 21.78 16.75 35.62
C GLY A 407 20.77 16.11 34.69
N VAL A 408 21.18 15.63 33.52
CA VAL A 408 20.26 14.97 32.60
C VAL A 408 20.12 13.52 33.00
N LYS A 409 18.90 13.09 33.33
CA LYS A 409 18.66 11.73 33.81
C LYS A 409 18.67 10.73 32.67
N LEU A 410 19.34 9.59 32.89
CA LEU A 410 19.37 8.45 31.97
C LEU A 410 18.78 7.21 32.62
N ASP A 411 18.33 6.26 31.79
CA ASP A 411 17.75 5.01 32.28
C ASP A 411 18.85 3.94 32.36
N LYS A 412 18.49 2.68 32.64
CA LYS A 412 19.52 1.68 32.90
C LYS A 412 20.25 1.21 31.65
N ASN A 413 19.74 1.52 30.45
CA ASN A 413 20.42 1.26 29.20
C ASN A 413 21.21 2.45 28.68
N GLY A 414 21.23 3.57 29.40
CA GLY A 414 21.95 4.74 28.94
C GLY A 414 21.20 5.67 28.01
N ARG A 415 19.89 5.50 27.86
CA ARG A 415 19.07 6.40 27.04
C ARG A 415 18.46 7.50 27.92
N VAL A 416 17.98 8.58 27.28
CA VAL A 416 17.54 9.79 27.99
C VAL A 416 16.07 9.68 28.35
N VAL A 417 15.74 9.98 29.62
CA VAL A 417 14.37 9.94 30.11
C VAL A 417 13.70 11.28 29.85
N CYS A 418 12.64 11.27 29.04
CA CYS A 418 12.01 12.49 28.54
C CYS A 418 10.52 12.48 28.86
N THR A 419 9.95 13.68 29.02
CA THR A 419 8.50 13.79 29.09
C THR A 419 7.91 13.64 27.67
N ASP A 420 6.57 13.63 27.58
CA ASP A 420 5.93 13.40 26.27
C ASP A 420 6.12 14.56 25.30
N ASP A 421 6.84 15.62 25.68
CA ASP A 421 7.19 16.69 24.77
C ASP A 421 8.69 16.76 24.53
N GLU A 422 9.39 15.64 24.77
CA GLU A 422 10.82 15.44 24.57
C GLU A 422 11.70 16.19 25.58
N GLN A 423 11.13 16.83 26.61
CA GLN A 423 11.95 17.56 27.59
C GLN A 423 12.69 16.60 28.52
N THR A 424 13.99 16.86 28.75
CA THR A 424 14.77 16.09 29.72
C THR A 424 14.53 16.63 31.14
N THR A 425 15.30 16.13 32.13
CA THR A 425 15.20 16.67 33.49
C THR A 425 15.83 18.05 33.64
N VAL A 426 16.37 18.62 32.56
CA VAL A 426 16.93 19.97 32.55
C VAL A 426 16.08 20.80 31.59
N SER A 427 15.49 21.90 32.09
CA SER A 427 14.29 22.45 31.45
C SER A 427 14.52 22.93 30.01
N ASN A 428 15.73 23.39 29.68
CA ASN A 428 16.00 23.90 28.35
C ASN A 428 16.61 22.85 27.41
N VAL A 429 16.72 21.59 27.86
CA VAL A 429 17.44 20.54 27.11
C VAL A 429 16.44 19.46 26.72
N TYR A 430 16.42 19.10 25.44
CA TYR A 430 15.49 18.13 24.88
C TYR A 430 16.29 17.01 24.21
N ALA A 431 15.64 15.87 23.98
CA ALA A 431 16.29 14.76 23.29
C ALA A 431 15.32 14.13 22.30
N ILE A 432 15.85 13.70 21.14
CA ILE A 432 15.05 13.14 20.06
C ILE A 432 15.79 11.98 19.42
N GLY A 433 15.04 11.13 18.72
CA GLY A 433 15.66 10.07 17.95
C GLY A 433 15.97 8.85 18.79
N ASP A 434 16.99 8.09 18.36
CA ASP A 434 17.23 6.79 18.97
C ASP A 434 17.57 6.89 20.46
N ILE A 435 18.10 8.02 20.94
CA ILE A 435 18.52 8.10 22.34
C ILE A 435 17.38 8.44 23.29
N ASN A 436 16.17 8.68 22.79
CA ASN A 436 15.01 8.97 23.64
C ASN A 436 14.45 7.63 24.14
N ALA A 437 14.57 7.35 25.44
CA ALA A 437 14.23 6.04 25.99
C ALA A 437 12.80 5.63 25.68
N GLY A 438 12.60 4.35 25.35
CA GLY A 438 11.28 3.78 25.18
C GLY A 438 10.58 4.09 23.87
N LYS A 439 11.18 4.90 22.98
CA LYS A 439 10.56 5.28 21.70
C LYS A 439 11.00 4.34 20.58
N PRO A 440 10.13 4.09 19.57
CA PRO A 440 10.56 3.28 18.42
C PRO A 440 11.75 3.93 17.73
N GLN A 441 12.70 3.11 17.32
CA GLN A 441 13.97 3.61 16.79
C GLN A 441 13.94 3.55 15.27
N LEU A 442 13.36 4.57 14.66
CA LEU A 442 13.10 4.60 13.23
C LEU A 442 13.31 6.01 12.71
N THR A 443 13.74 6.12 11.46
CA THR A 443 14.03 7.43 10.89
C THR A 443 12.80 8.34 10.78
N PRO A 444 11.65 7.88 10.29
CA PRO A 444 10.48 8.78 10.25
C PRO A 444 10.00 9.24 11.62
N VAL A 445 10.22 8.46 12.67
CA VAL A 445 9.84 8.91 14.01
C VAL A 445 10.76 10.05 14.45
N ALA A 446 12.06 9.90 14.23
CA ALA A 446 13.01 10.95 14.61
C ALA A 446 12.77 12.25 13.85
N ILE A 447 12.45 12.17 12.57
CA ILE A 447 12.13 13.37 11.77
C ILE A 447 10.87 14.05 12.29
N GLN A 448 9.80 13.27 12.52
CA GLN A 448 8.56 13.84 13.04
C GLN A 448 8.78 14.49 14.41
N ALA A 449 9.46 13.80 15.32
CA ALA A 449 9.69 14.38 16.65
C ALA A 449 10.50 15.67 16.55
N GLY A 450 11.52 15.70 15.69
CA GLY A 450 12.35 16.89 15.57
C GLY A 450 11.63 18.08 14.96
N ARG A 451 10.86 17.86 13.90
CA ARG A 451 10.12 18.97 13.30
C ARG A 451 9.02 19.49 14.23
N TYR A 452 8.28 18.57 14.87
CA TYR A 452 7.20 18.99 15.77
C TYR A 452 7.75 19.76 16.98
N LEU A 453 8.89 19.31 17.53
CA LEU A 453 9.52 19.99 18.66
C LEU A 453 9.96 21.40 18.30
N ALA A 454 10.64 21.57 17.15
CA ALA A 454 11.06 22.90 16.72
C ALA A 454 9.86 23.85 16.57
N ARG A 455 8.72 23.33 16.11
CA ARG A 455 7.56 24.20 15.98
C ARG A 455 7.02 24.63 17.34
N ARG A 456 7.02 23.74 18.33
CA ARG A 456 6.56 24.13 19.66
C ARG A 456 7.51 25.16 20.30
N LEU A 457 8.83 24.99 20.14
CA LEU A 457 9.79 25.91 20.75
C LEU A 457 9.72 27.30 20.15
N PHE A 458 9.62 27.41 18.82
CA PHE A 458 9.84 28.70 18.19
C PHE A 458 8.64 29.28 17.43
N ALA A 459 7.52 28.56 17.34
CA ALA A 459 6.34 29.06 16.62
C ALA A 459 5.04 28.88 17.38
N GLY A 460 5.08 28.55 18.67
CA GLY A 460 3.88 28.47 19.46
C GLY A 460 2.97 27.30 19.18
N ALA A 461 3.44 26.27 18.46
CA ALA A 461 2.60 25.11 18.17
C ALA A 461 2.35 24.30 19.45
N THR A 462 1.31 23.47 19.43
CA THR A 462 1.07 22.58 20.57
C THR A 462 1.09 21.10 20.22
N GLU A 463 1.04 20.73 18.95
CA GLU A 463 0.95 19.32 18.56
C GLU A 463 2.10 18.48 19.11
N LEU A 464 1.79 17.35 19.73
CA LEU A 464 2.79 16.39 20.16
C LEU A 464 2.97 15.29 19.10
N THR A 465 4.15 14.64 19.15
CA THR A 465 4.39 13.43 18.34
C THR A 465 3.67 12.23 18.95
N ASP A 466 2.97 11.45 18.10
CA ASP A 466 2.25 10.24 18.54
C ASP A 466 3.09 9.02 18.19
N TYR A 467 3.59 8.32 19.22
CA TYR A 467 4.50 7.18 19.05
C TYR A 467 3.79 5.82 19.04
N SER A 468 2.46 5.79 19.02
CA SER A 468 1.73 4.53 19.13
C SER A 468 1.36 3.97 17.75
N ASN A 469 1.48 2.64 17.60
CA ASN A 469 1.03 1.95 16.40
C ASN A 469 1.79 2.40 15.15
N VAL A 470 3.10 2.64 15.30
CA VAL A 470 3.95 3.06 14.18
C VAL A 470 4.30 1.83 13.34
N ALA A 471 4.04 1.91 12.03
CA ALA A 471 4.28 0.74 11.18
C ALA A 471 5.77 0.59 10.89
N THR A 472 6.17 -0.65 10.58
CA THR A 472 7.55 -1.07 10.32
C THR A 472 7.56 -1.98 9.08
N THR A 473 8.73 -2.10 8.45
CA THR A 473 8.93 -3.14 7.43
C THR A 473 10.34 -3.67 7.53
N VAL A 474 10.47 -5.00 7.57
CA VAL A 474 11.77 -5.68 7.56
C VAL A 474 12.07 -6.11 6.13
N PHE A 475 13.15 -5.59 5.54
CA PHE A 475 13.43 -5.83 4.12
C PHE A 475 14.32 -7.06 3.93
N THR A 476 13.80 -8.19 4.41
CA THR A 476 14.37 -9.50 4.10
C THR A 476 14.02 -9.89 2.65
N PRO A 477 14.62 -10.97 2.11
CA PRO A 477 14.30 -11.37 0.70
C PRO A 477 12.81 -11.50 0.39
N LEU A 478 12.02 -12.10 1.27
CA LEU A 478 10.58 -11.87 1.31
C LEU A 478 10.28 -10.87 2.44
N GLU A 479 9.69 -9.72 2.09
CA GLU A 479 9.56 -8.59 3.00
C GLU A 479 8.45 -8.81 4.05
N TYR A 480 8.61 -8.23 5.24
CA TYR A 480 7.64 -8.39 6.34
C TYR A 480 7.22 -7.02 6.89
N GLY A 481 5.96 -6.64 6.65
CA GLY A 481 5.42 -5.38 7.13
C GLY A 481 4.48 -5.63 8.28
N ALA A 482 4.41 -4.68 9.23
CA ALA A 482 3.52 -4.85 10.37
C ALA A 482 3.10 -3.50 10.92
N CYS A 483 1.93 -3.47 11.59
CA CYS A 483 1.47 -2.28 12.30
C CYS A 483 0.61 -2.71 13.48
N GLY A 484 1.04 -2.38 14.70
CA GLY A 484 0.31 -2.74 15.90
C GLY A 484 0.90 -3.94 16.64
N LEU A 485 0.03 -4.61 17.40
CA LEU A 485 0.48 -5.69 18.30
C LEU A 485 0.77 -6.99 17.55
N SER A 486 1.80 -7.71 18.00
CA SER A 486 1.91 -9.11 17.64
C SER A 486 0.73 -9.90 18.22
N GLU A 487 0.54 -11.10 17.69
CA GLU A 487 -0.56 -11.92 18.16
C GLU A 487 -0.35 -12.35 19.63
N GLU A 488 0.87 -12.76 19.99
CA GLU A 488 1.13 -13.14 21.38
C GLU A 488 1.03 -11.97 22.36
N ASP A 489 1.36 -10.74 21.94
CA ASP A 489 1.15 -9.60 22.82
C ASP A 489 -0.35 -9.28 22.99
N ALA A 490 -1.14 -9.42 21.92
CA ALA A 490 -2.57 -9.16 22.07
C ALA A 490 -3.20 -10.13 23.07
N ILE A 491 -2.81 -11.41 22.98
CA ILE A 491 -3.36 -12.45 23.85
C ILE A 491 -2.93 -12.22 25.30
N GLU A 492 -1.64 -11.94 25.52
CA GLU A 492 -1.16 -11.59 26.85
C GLU A 492 -1.97 -10.45 27.45
N LYS A 493 -2.31 -9.42 26.65
CA LYS A 493 -2.95 -8.23 27.19
C LYS A 493 -4.45 -8.41 27.41
N TYR A 494 -5.13 -9.21 26.58
CA TYR A 494 -6.59 -9.28 26.66
C TYR A 494 -7.12 -10.67 26.92
N GLY A 495 -6.27 -11.70 26.87
CA GLY A 495 -6.72 -13.06 27.05
C GLY A 495 -7.14 -13.70 25.74
N ASP A 496 -6.87 -15.00 25.63
CA ASP A 496 -7.11 -15.71 24.37
C ASP A 496 -8.58 -15.64 23.95
N LYS A 497 -9.51 -15.70 24.90
CA LYS A 497 -10.92 -15.75 24.51
C LYS A 497 -11.42 -14.44 23.91
N ASP A 498 -10.77 -13.31 24.20
CA ASP A 498 -11.15 -12.02 23.62
C ASP A 498 -10.44 -11.71 22.29
N ILE A 499 -9.66 -12.63 21.72
CA ILE A 499 -8.86 -12.36 20.53
C ILE A 499 -9.30 -13.27 19.40
N GLU A 500 -9.62 -12.67 18.25
CA GLU A 500 -9.87 -13.37 17.00
C GLU A 500 -8.79 -13.03 15.98
N VAL A 501 -8.32 -14.04 15.25
CA VAL A 501 -7.30 -13.87 14.21
C VAL A 501 -7.86 -14.37 12.88
N TYR A 502 -7.96 -13.46 11.91
CA TYR A 502 -8.30 -13.82 10.54
C TYR A 502 -7.01 -13.91 9.72
N HIS A 503 -6.88 -14.96 8.90
CA HIS A 503 -5.63 -15.11 8.16
C HIS A 503 -5.85 -15.83 6.83
N SER A 504 -4.85 -15.75 5.96
CA SER A 504 -4.89 -16.36 4.64
C SER A 504 -3.49 -16.41 4.03
N ASN A 505 -3.18 -17.50 3.32
CA ASN A 505 -2.08 -17.47 2.37
C ASN A 505 -2.52 -16.74 1.09
N PHE A 506 -1.53 -16.45 0.25
CA PHE A 506 -1.80 -15.84 -1.05
C PHE A 506 -0.59 -16.02 -1.96
N LYS A 507 -0.82 -15.86 -3.26
CA LYS A 507 0.20 -15.99 -4.30
C LYS A 507 0.15 -14.76 -5.18
N PRO A 508 1.22 -13.95 -5.27
CA PRO A 508 1.22 -12.82 -6.21
C PRO A 508 0.99 -13.30 -7.64
N LEU A 509 0.18 -12.54 -8.39
CA LEU A 509 -0.08 -12.96 -9.77
C LEU A 509 1.21 -13.04 -10.58
N GLU A 510 2.16 -12.14 -10.30
CA GLU A 510 3.47 -12.16 -10.95
C GLU A 510 4.24 -13.46 -10.71
N TRP A 511 3.89 -14.23 -9.68
CA TRP A 511 4.60 -15.46 -9.37
C TRP A 511 4.06 -16.67 -10.15
N THR A 512 2.90 -16.54 -10.82
CA THR A 512 2.26 -17.69 -11.46
C THR A 512 3.06 -18.15 -12.68
N VAL A 513 3.21 -17.26 -13.67
CA VAL A 513 3.94 -17.63 -14.88
C VAL A 513 5.41 -17.90 -14.55
N ALA A 514 5.92 -17.28 -13.48
CA ALA A 514 7.30 -17.49 -13.02
C ALA A 514 7.51 -18.81 -12.27
N HIS A 515 6.45 -19.58 -12.01
CA HIS A 515 6.55 -20.85 -11.26
C HIS A 515 7.22 -20.67 -9.89
N ARG A 516 6.77 -19.68 -9.12
CA ARG A 516 7.20 -19.51 -7.74
C ARG A 516 6.19 -20.16 -6.78
N GLU A 517 6.48 -20.10 -5.48
CA GLU A 517 5.79 -20.93 -4.49
C GLU A 517 4.33 -20.54 -4.30
N ASP A 518 3.47 -21.55 -4.05
CA ASP A 518 2.03 -21.33 -3.96
C ASP A 518 1.58 -20.75 -2.63
N ASN A 519 2.17 -21.18 -1.51
CA ASN A 519 1.58 -20.96 -0.19
C ASN A 519 2.63 -20.42 0.79
N VAL A 520 3.49 -19.52 0.33
CA VAL A 520 4.52 -18.96 1.18
C VAL A 520 4.13 -17.57 1.71
N CYS A 521 3.59 -16.71 0.84
CA CYS A 521 3.12 -15.40 1.29
C CYS A 521 1.91 -15.57 2.21
N TYR A 522 1.79 -14.66 3.20
CA TYR A 522 0.86 -14.86 4.30
C TYR A 522 0.43 -13.52 4.89
N MET A 523 -0.81 -13.45 5.39
CA MET A 523 -1.24 -12.22 6.05
C MET A 523 -2.28 -12.54 7.12
N LYS A 524 -2.33 -11.70 8.16
CA LYS A 524 -3.31 -11.92 9.22
C LYS A 524 -3.72 -10.59 9.86
N LEU A 525 -4.96 -10.55 10.36
CA LEU A 525 -5.48 -9.47 11.19
C LEU A 525 -5.80 -10.01 12.58
N VAL A 526 -5.21 -9.40 13.61
CA VAL A 526 -5.39 -9.76 15.02
C VAL A 526 -6.39 -8.78 15.65
N CYS A 527 -7.56 -9.27 16.10
CA CYS A 527 -8.69 -8.41 16.44
C CYS A 527 -9.22 -8.67 17.86
N ARG A 528 -9.84 -7.63 18.46
CA ARG A 528 -10.44 -7.71 19.80
C ARG A 528 -11.95 -7.88 19.72
N LYS A 529 -12.45 -9.04 20.12
CA LYS A 529 -13.88 -9.36 20.00
C LYS A 529 -14.74 -8.35 20.74
N SER A 530 -14.39 -8.04 21.99
CA SER A 530 -15.28 -7.21 22.82
C SER A 530 -15.22 -5.73 22.47
N ASP A 531 -14.39 -5.31 21.52
CA ASP A 531 -14.38 -3.92 21.11
C ASP A 531 -14.72 -3.82 19.62
N ASN A 532 -15.90 -4.32 19.24
CA ASN A 532 -16.40 -4.31 17.85
C ASN A 532 -15.39 -4.87 16.86
N MET A 533 -14.59 -5.84 17.29
CA MET A 533 -13.62 -6.52 16.42
C MET A 533 -12.56 -5.53 15.95
N ARG A 534 -12.10 -4.66 16.86
CA ARG A 534 -11.04 -3.69 16.56
C ARG A 534 -9.79 -4.38 16.03
N VAL A 535 -9.17 -3.81 14.99
CA VAL A 535 -7.91 -4.36 14.49
C VAL A 535 -6.79 -3.90 15.42
N LEU A 536 -6.21 -4.83 16.17
CA LEU A 536 -5.10 -4.57 17.10
C LEU A 536 -3.73 -4.67 16.42
N GLY A 537 -3.61 -5.49 15.38
CA GLY A 537 -2.36 -5.64 14.65
C GLY A 537 -2.59 -6.23 13.29
N LEU A 538 -1.79 -5.80 12.32
CA LEU A 538 -1.81 -6.24 10.92
C LEU A 538 -0.42 -6.74 10.54
N HIS A 539 -0.35 -7.92 9.88
CA HIS A 539 0.93 -8.53 9.51
C HIS A 539 0.87 -9.05 8.08
N VAL A 540 1.91 -8.78 7.27
CA VAL A 540 1.93 -9.28 5.89
C VAL A 540 3.37 -9.67 5.53
N LEU A 541 3.52 -10.86 4.94
CA LEU A 541 4.78 -11.38 4.40
C LEU A 541 4.56 -11.54 2.90
N GLY A 542 5.28 -10.75 2.09
CA GLY A 542 5.16 -10.82 0.65
C GLY A 542 5.95 -9.71 -0.04
N PRO A 543 5.94 -9.66 -1.37
CA PRO A 543 6.67 -8.58 -2.05
C PRO A 543 6.02 -7.22 -1.82
N ASN A 544 6.86 -6.17 -1.82
CA ASN A 544 6.43 -4.77 -1.61
C ASN A 544 5.61 -4.60 -0.33
N ALA A 545 6.00 -5.31 0.74
CA ALA A 545 5.21 -5.30 1.97
C ALA A 545 5.13 -3.93 2.62
N GLY A 546 6.16 -3.09 2.43
CA GLY A 546 6.10 -1.75 2.97
C GLY A 546 5.13 -0.85 2.24
N GLU A 547 5.09 -0.95 0.90
CA GLU A 547 4.05 -0.24 0.16
C GLU A 547 2.66 -0.75 0.57
N ILE A 548 2.51 -2.05 0.80
CA ILE A 548 1.20 -2.62 1.15
C ILE A 548 0.75 -2.06 2.50
N THR A 549 1.64 -2.07 3.49
CA THR A 549 1.28 -1.81 4.89
C THR A 549 0.99 -0.32 5.13
N GLN A 550 1.73 0.58 4.49
CA GLN A 550 1.69 2.01 4.85
C GLN A 550 0.29 2.57 4.94
N GLY A 551 -0.52 2.36 3.89
CA GLY A 551 -1.85 2.97 3.88
C GLY A 551 -2.74 2.50 5.01
N TYR A 552 -2.68 1.20 5.33
CA TYR A 552 -3.46 0.66 6.44
C TYR A 552 -3.10 1.29 7.78
N ALA A 553 -1.89 1.86 7.92
CA ALA A 553 -1.50 2.48 9.18
C ALA A 553 -2.33 3.73 9.49
N VAL A 554 -2.82 4.43 8.46
CA VAL A 554 -3.76 5.54 8.70
C VAL A 554 -5.08 5.01 9.24
N ALA A 555 -5.59 3.90 8.69
CA ALA A 555 -6.85 3.35 9.16
C ALA A 555 -6.76 2.83 10.59
N ILE A 556 -5.65 2.19 10.93
CA ILE A 556 -5.46 1.74 12.32
C ILE A 556 -5.35 2.92 13.28
N LYS A 557 -4.66 3.99 12.87
CA LYS A 557 -4.58 5.19 13.70
C LYS A 557 -5.98 5.73 14.01
N MET A 558 -6.88 5.64 13.05
CA MET A 558 -8.27 6.04 13.16
C MET A 558 -9.17 5.05 13.88
N GLY A 559 -8.67 3.88 14.29
CA GLY A 559 -9.46 2.90 15.02
C GLY A 559 -10.22 1.89 14.16
N ALA A 560 -9.62 1.40 13.08
CA ALA A 560 -10.36 0.55 12.15
C ALA A 560 -10.78 -0.76 12.81
N THR A 561 -11.95 -1.28 12.39
CA THR A 561 -12.44 -2.59 12.82
C THR A 561 -12.46 -3.54 11.65
N LYS A 562 -12.71 -4.82 11.94
CA LYS A 562 -12.85 -5.80 10.87
C LYS A 562 -13.96 -5.41 9.91
N ALA A 563 -15.04 -4.80 10.41
CA ALA A 563 -16.12 -4.36 9.53
C ALA A 563 -15.65 -3.31 8.54
N ASP A 564 -14.73 -2.45 8.96
CA ASP A 564 -14.20 -1.41 8.06
C ASP A 564 -13.40 -2.02 6.92
N PHE A 565 -12.66 -3.10 7.19
CA PHE A 565 -11.96 -3.79 6.11
C PHE A 565 -12.93 -4.52 5.19
N ASP A 566 -14.04 -5.05 5.74
CA ASP A 566 -14.95 -5.83 4.93
C ASP A 566 -15.73 -4.93 3.96
N ARG A 567 -16.10 -3.73 4.40
CA ARG A 567 -16.93 -2.87 3.55
C ARG A 567 -16.13 -2.12 2.49
N THR A 568 -14.82 -1.98 2.68
CA THR A 568 -13.94 -1.44 1.65
C THR A 568 -13.70 -2.48 0.56
N ILE A 569 -13.72 -2.04 -0.73
CA ILE A 569 -13.60 -2.93 -1.88
C ILE A 569 -12.13 -3.03 -2.30
N GLY A 570 -11.72 -4.22 -2.78
CA GLY A 570 -10.34 -4.40 -3.22
C GLY A 570 -10.03 -3.79 -4.58
N ILE A 571 -8.73 -3.58 -4.81
CA ILE A 571 -8.17 -3.28 -6.12
C ILE A 571 -7.58 -4.56 -6.71
N HIS A 572 -7.98 -4.90 -7.94
CA HIS A 572 -7.61 -6.16 -8.56
C HIS A 572 -6.88 -5.93 -9.88
N PRO A 573 -5.81 -6.69 -10.15
CA PRO A 573 -5.14 -7.71 -9.30
C PRO A 573 -4.00 -7.10 -8.48
N THR A 574 -4.05 -7.22 -7.15
CA THR A 574 -2.97 -6.82 -6.24
C THR A 574 -2.84 -7.87 -5.15
N CYS A 575 -1.69 -7.87 -4.47
CA CYS A 575 -1.55 -8.61 -3.22
C CYS A 575 -2.35 -7.99 -2.08
N SER A 576 -2.31 -6.65 -1.97
CA SER A 576 -2.93 -5.97 -0.83
C SER A 576 -4.45 -6.22 -0.72
N GLU A 577 -5.14 -6.43 -1.84
CA GLU A 577 -6.58 -6.65 -1.82
C GLU A 577 -7.00 -7.84 -0.96
N THR A 578 -6.09 -8.80 -0.72
CA THR A 578 -6.45 -9.94 0.14
C THR A 578 -6.87 -9.50 1.54
N PHE A 579 -6.40 -8.34 2.01
CA PHE A 579 -6.87 -7.83 3.32
C PHE A 579 -8.36 -7.47 3.34
N THR A 580 -9.00 -7.24 2.17
CA THR A 580 -10.39 -6.79 2.14
C THR A 580 -11.39 -7.95 2.17
N THR A 581 -10.95 -9.21 2.00
CA THR A 581 -11.87 -10.34 1.95
C THR A 581 -11.52 -11.44 2.94
N LEU A 582 -10.78 -11.15 4.02
CA LEU A 582 -10.39 -12.20 4.95
C LEU A 582 -11.61 -12.79 5.66
N HIS A 583 -11.59 -14.12 5.89
CA HIS A 583 -12.73 -14.75 6.55
C HIS A 583 -12.38 -16.00 7.37
N VAL A 584 -11.25 -16.65 7.11
CA VAL A 584 -10.88 -17.86 7.86
C VAL A 584 -10.29 -17.46 9.21
N THR A 585 -10.85 -17.96 10.30
CA THR A 585 -10.32 -17.66 11.63
C THR A 585 -9.38 -18.78 12.08
N LYS A 586 -8.46 -18.44 12.99
CA LYS A 586 -7.59 -19.48 13.54
C LYS A 586 -8.38 -20.43 14.43
N LYS A 587 -9.38 -19.93 15.16
CA LYS A 587 -10.14 -20.82 16.04
C LYS A 587 -10.94 -21.85 15.25
N SER A 588 -11.34 -21.54 14.02
CA SER A 588 -12.08 -22.49 13.22
C SER A 588 -11.26 -23.72 12.87
N GLY A 589 -9.93 -23.63 12.94
CA GLY A 589 -9.07 -24.69 12.46
C GLY A 589 -9.06 -24.90 10.97
N VAL A 590 -9.89 -24.16 10.21
CA VAL A 590 -9.88 -24.25 8.76
C VAL A 590 -8.52 -23.84 8.21
N SER A 591 -8.07 -24.52 7.15
CA SER A 591 -6.76 -24.23 6.58
C SER A 591 -6.74 -22.85 5.90
N PRO A 592 -5.66 -22.08 6.08
CA PRO A 592 -5.52 -20.81 5.35
C PRO A 592 -4.94 -20.90 3.95
N ILE A 593 -4.62 -22.12 3.45
CA ILE A 593 -4.02 -22.22 2.11
C ILE A 593 -5.03 -21.81 1.03
N VAL A 594 -4.51 -21.53 -0.16
CA VAL A 594 -5.35 -21.06 -1.26
C VAL A 594 -6.00 -22.23 -2.00
N GLY B 7 -40.74 -3.76 11.04
CA GLY B 7 -40.13 -4.18 12.29
C GLY B 7 -39.31 -5.44 12.15
N THR B 8 -38.99 -6.07 13.29
CA THR B 8 -38.33 -7.36 13.28
C THR B 8 -39.15 -8.41 12.55
N SER B 9 -40.48 -8.28 12.58
CA SER B 9 -41.34 -9.32 12.03
C SER B 9 -41.28 -9.39 10.51
N GLN B 10 -41.09 -8.26 9.82
CA GLN B 10 -41.06 -8.35 8.36
C GLN B 10 -39.69 -8.77 7.81
N TRP B 11 -38.62 -8.61 8.60
CA TRP B 11 -37.37 -9.30 8.29
C TRP B 11 -37.53 -10.80 8.40
N LEU B 12 -38.19 -11.28 9.47
CA LEU B 12 -38.33 -12.71 9.68
C LEU B 12 -39.14 -13.34 8.55
N ARG B 13 -40.17 -12.65 8.07
CA ARG B 13 -40.99 -13.19 7.00
C ARG B 13 -40.19 -13.35 5.72
N LYS B 14 -39.41 -12.32 5.35
CA LYS B 14 -38.62 -12.41 4.12
C LYS B 14 -37.57 -13.50 4.21
N THR B 15 -36.90 -13.61 5.37
CA THR B 15 -35.90 -14.67 5.55
C THR B 15 -36.53 -16.06 5.41
N VAL B 16 -37.67 -16.29 6.05
CA VAL B 16 -38.29 -17.61 6.00
C VAL B 16 -38.79 -17.91 4.58
N ASP B 17 -39.44 -16.94 3.93
CA ASP B 17 -39.98 -17.18 2.59
C ASP B 17 -38.91 -17.49 1.56
N SER B 18 -37.71 -16.91 1.71
CA SER B 18 -36.68 -16.99 0.67
C SER B 18 -35.64 -18.07 0.93
N ALA B 19 -35.32 -18.35 2.19
CA ALA B 19 -34.34 -19.39 2.51
C ALA B 19 -34.74 -20.73 1.93
N ALA B 20 -33.73 -21.50 1.48
CA ALA B 20 -33.99 -22.85 0.99
C ALA B 20 -34.18 -23.82 2.14
N VAL B 21 -33.21 -23.84 3.07
CA VAL B 21 -33.24 -24.67 4.29
C VAL B 21 -32.58 -23.86 5.39
N ILE B 22 -33.35 -23.49 6.42
CA ILE B 22 -32.82 -22.62 7.47
C ILE B 22 -33.19 -23.16 8.84
N LEU B 23 -32.23 -23.10 9.77
CA LEU B 23 -32.38 -23.60 11.13
C LEU B 23 -32.19 -22.45 12.10
N PHE B 24 -33.18 -22.22 12.96
CA PHE B 24 -33.06 -21.26 14.06
C PHE B 24 -32.59 -22.01 15.31
N SER B 25 -31.55 -21.49 15.95
CA SER B 25 -30.79 -22.25 16.94
C SER B 25 -30.28 -21.31 18.04
N LYS B 26 -29.66 -21.93 19.06
CA LYS B 26 -28.82 -21.23 20.02
C LYS B 26 -27.56 -22.05 20.26
N THR B 27 -26.46 -21.33 20.58
CA THR B 27 -25.16 -22.00 20.68
C THR B 27 -25.13 -22.97 21.85
N THR B 28 -25.77 -22.62 22.96
CA THR B 28 -25.92 -23.51 24.11
C THR B 28 -27.33 -24.08 24.05
N CYS B 29 -27.46 -25.24 23.39
CA CYS B 29 -28.74 -25.91 23.17
C CYS B 29 -28.47 -27.32 22.65
N PRO B 30 -28.42 -28.32 23.52
CA PRO B 30 -28.07 -29.68 23.05
C PRO B 30 -29.10 -30.32 22.13
N TYR B 31 -30.36 -29.85 22.13
CA TYR B 31 -31.31 -30.34 21.14
C TYR B 31 -31.00 -29.78 19.76
N CYS B 32 -30.60 -28.50 19.69
CA CYS B 32 -30.13 -27.94 18.44
C CYS B 32 -28.94 -28.72 17.90
N LYS B 33 -28.03 -29.13 18.78
CA LYS B 33 -26.85 -29.88 18.35
C LYS B 33 -27.24 -31.24 17.77
N LYS B 34 -28.28 -31.87 18.31
CA LYS B 34 -28.72 -33.14 17.76
C LYS B 34 -29.26 -32.96 16.35
N VAL B 35 -30.00 -31.87 16.09
CA VAL B 35 -30.51 -31.62 14.76
C VAL B 35 -29.38 -31.29 13.79
N LYS B 36 -28.46 -30.42 14.22
CA LYS B 36 -27.30 -30.09 13.37
C LYS B 36 -26.55 -31.34 12.95
N ASP B 37 -26.35 -32.29 13.87
CA ASP B 37 -25.58 -33.48 13.57
C ASP B 37 -26.34 -34.40 12.61
N VAL B 38 -27.67 -34.45 12.72
CA VAL B 38 -28.46 -35.24 11.78
C VAL B 38 -28.37 -34.64 10.39
N LEU B 39 -28.55 -33.32 10.28
CA LEU B 39 -28.44 -32.64 8.99
C LEU B 39 -27.08 -32.85 8.36
N ALA B 40 -26.01 -32.78 9.18
CA ALA B 40 -24.65 -33.00 8.67
C ALA B 40 -24.48 -34.42 8.15
N GLU B 41 -24.95 -35.42 8.92
CA GLU B 41 -24.80 -36.80 8.47
C GLU B 41 -25.60 -37.07 7.20
N ALA B 42 -26.77 -36.44 7.08
CA ALA B 42 -27.59 -36.58 5.88
C ALA B 42 -27.06 -35.78 4.70
N LYS B 43 -25.95 -35.04 4.89
CA LYS B 43 -25.35 -34.20 3.83
C LYS B 43 -26.31 -33.09 3.38
N ILE B 44 -27.11 -32.57 4.32
CA ILE B 44 -28.07 -31.51 4.04
C ILE B 44 -27.47 -30.18 4.46
N LYS B 45 -27.17 -29.33 3.48
CA LYS B 45 -26.63 -28.00 3.73
C LYS B 45 -27.78 -27.05 4.05
N HIS B 46 -27.48 -26.07 4.91
CA HIS B 46 -28.51 -25.17 5.41
C HIS B 46 -27.86 -23.93 5.99
N ALA B 47 -28.65 -22.87 6.08
CA ALA B 47 -28.32 -21.69 6.87
C ALA B 47 -28.69 -21.90 8.34
N THR B 48 -27.99 -21.20 9.22
CA THR B 48 -28.22 -21.27 10.65
C THR B 48 -28.23 -19.85 11.24
N ILE B 49 -29.25 -19.55 12.05
CA ILE B 49 -29.38 -18.25 12.72
C ILE B 49 -29.29 -18.52 14.22
N GLU B 50 -28.15 -18.21 14.84
CA GLU B 50 -27.97 -18.43 16.28
C GLU B 50 -28.57 -17.24 17.02
N LEU B 51 -29.77 -17.42 17.59
CA LEU B 51 -30.54 -16.26 18.07
C LEU B 51 -29.89 -15.59 19.28
N ASP B 52 -29.09 -16.34 20.06
CA ASP B 52 -28.46 -15.75 21.25
C ASP B 52 -27.30 -14.82 20.91
N GLN B 53 -26.91 -14.73 19.64
CA GLN B 53 -25.88 -13.79 19.21
C GLN B 53 -26.43 -12.59 18.46
N LEU B 54 -27.76 -12.43 18.42
CA LEU B 54 -28.38 -11.25 17.84
C LEU B 54 -28.96 -10.41 18.97
N SER B 55 -28.83 -9.08 18.84
CA SER B 55 -29.20 -8.21 19.95
C SER B 55 -30.68 -8.33 20.29
N ASN B 56 -31.53 -8.56 19.29
CA ASN B 56 -32.96 -8.74 19.52
C ASN B 56 -33.41 -10.16 19.18
N GLY B 57 -32.59 -11.15 19.57
CA GLY B 57 -32.99 -12.54 19.40
C GLY B 57 -34.24 -12.91 20.19
N SER B 58 -34.51 -12.22 21.30
CA SER B 58 -35.72 -12.46 22.06
C SER B 58 -36.97 -12.18 21.23
N ALA B 59 -36.99 -11.03 20.55
CA ALA B 59 -38.14 -10.66 19.73
C ALA B 59 -38.34 -11.65 18.59
N ILE B 60 -37.26 -12.10 17.96
CA ILE B 60 -37.38 -13.00 16.81
C ILE B 60 -38.00 -14.32 17.24
N GLN B 61 -37.56 -14.85 18.40
CA GLN B 61 -38.14 -16.08 18.95
C GLN B 61 -39.66 -16.01 19.01
N LYS B 62 -40.20 -14.84 19.42
CA LYS B 62 -41.64 -14.71 19.53
C LYS B 62 -42.32 -14.79 18.16
N CYS B 63 -41.80 -14.07 17.16
CA CYS B 63 -42.43 -14.07 15.85
C CYS B 63 -42.29 -15.40 15.11
N LEU B 64 -41.34 -16.25 15.51
CA LEU B 64 -41.31 -17.61 14.96
C LEU B 64 -42.63 -18.33 15.18
N ALA B 65 -43.31 -18.07 16.31
CA ALA B 65 -44.59 -18.70 16.59
C ALA B 65 -45.64 -18.38 15.53
N SER B 66 -45.49 -17.24 14.84
CA SER B 66 -46.45 -16.88 13.81
C SER B 66 -46.42 -17.83 12.61
N PHE B 67 -45.32 -18.57 12.43
CA PHE B 67 -45.24 -19.60 11.40
C PHE B 67 -45.42 -21.01 11.93
N SER B 68 -44.93 -21.27 13.15
CA SER B 68 -44.83 -22.63 13.68
C SER B 68 -45.72 -22.89 14.89
N LYS B 69 -46.27 -21.84 15.50
CA LYS B 69 -47.07 -21.93 16.73
C LYS B 69 -46.26 -22.44 17.91
N ILE B 70 -44.93 -22.44 17.82
CA ILE B 70 -44.06 -22.71 18.96
C ILE B 70 -43.07 -21.56 19.09
N GLU B 71 -42.52 -21.40 20.29
CA GLU B 71 -41.57 -20.34 20.58
C GLU B 71 -40.24 -20.85 21.09
N THR B 72 -40.01 -22.15 21.04
CA THR B 72 -38.76 -22.75 21.48
C THR B 72 -37.81 -22.96 20.29
N VAL B 73 -36.65 -23.51 20.59
CA VAL B 73 -35.56 -23.66 19.64
C VAL B 73 -35.02 -25.07 19.84
N PRO B 74 -34.64 -25.83 18.79
CA PRO B 74 -34.55 -25.48 17.35
C PRO B 74 -35.85 -25.48 16.56
N GLN B 75 -35.88 -24.77 15.44
CA GLN B 75 -36.97 -24.83 14.46
C GLN B 75 -36.37 -24.89 13.05
N MET B 76 -36.72 -25.93 12.30
CA MET B 76 -36.35 -26.11 10.90
C MET B 76 -37.43 -25.60 9.96
N PHE B 77 -37.00 -24.87 8.91
CA PHE B 77 -37.85 -24.49 7.80
C PHE B 77 -37.23 -24.88 6.47
N VAL B 78 -38.08 -25.16 5.48
CA VAL B 78 -37.65 -25.48 4.12
C VAL B 78 -38.56 -24.71 3.17
N ARG B 79 -37.98 -23.82 2.37
CA ARG B 79 -38.69 -23.12 1.31
C ARG B 79 -40.00 -22.50 1.80
N GLY B 80 -39.93 -21.84 2.97
CA GLY B 80 -41.04 -21.12 3.53
C GLY B 80 -41.95 -21.91 4.45
N LYS B 81 -41.77 -23.23 4.57
CA LYS B 81 -42.63 -24.11 5.34
C LYS B 81 -41.93 -24.58 6.60
N PHE B 82 -42.65 -24.55 7.72
CA PHE B 82 -42.13 -25.06 8.98
C PHE B 82 -42.11 -26.57 8.95
N ILE B 83 -40.98 -27.16 9.32
CA ILE B 83 -40.78 -28.61 9.21
C ILE B 83 -40.94 -29.31 10.56
N GLY B 84 -40.41 -28.75 11.63
CA GLY B 84 -40.62 -29.34 12.94
C GLY B 84 -39.53 -28.99 13.93
N ASP B 85 -39.78 -29.36 15.19
CA ASP B 85 -38.80 -29.23 16.26
C ASP B 85 -37.84 -30.42 16.24
N SER B 86 -37.11 -30.66 17.33
CA SER B 86 -36.12 -31.73 17.34
C SER B 86 -36.76 -33.10 17.17
N GLN B 87 -37.83 -33.39 17.92
CA GLN B 87 -38.45 -34.71 17.83
C GLN B 87 -38.99 -34.99 16.43
N THR B 88 -39.56 -33.97 15.77
CA THR B 88 -40.21 -34.20 14.47
C THR B 88 -39.19 -34.44 13.36
N VAL B 89 -38.09 -33.66 13.35
CA VAL B 89 -37.05 -33.86 12.34
C VAL B 89 -36.40 -35.23 12.49
N LEU B 90 -36.12 -35.64 13.74
CA LEU B 90 -35.57 -36.97 13.95
C LEU B 90 -36.56 -38.08 13.56
N LYS B 91 -37.87 -37.84 13.70
CA LYS B 91 -38.86 -38.78 13.17
C LYS B 91 -38.72 -38.96 11.66
N TYR B 92 -38.64 -37.87 10.92
CA TYR B 92 -38.50 -37.98 9.47
C TYR B 92 -37.21 -38.71 9.08
N TYR B 93 -36.12 -38.42 9.80
CA TYR B 93 -34.83 -39.02 9.47
C TYR B 93 -34.86 -40.53 9.63
N SER B 94 -35.42 -41.02 10.74
CA SER B 94 -35.45 -42.47 10.94
C SER B 94 -36.55 -43.16 10.15
N ASN B 95 -37.50 -42.42 9.56
CA ASN B 95 -38.48 -42.99 8.65
C ASN B 95 -38.08 -42.85 7.18
N ASP B 96 -36.86 -42.35 6.90
CA ASP B 96 -36.39 -42.12 5.53
C ASP B 96 -37.28 -41.15 4.77
N GLU B 97 -37.83 -40.15 5.47
CA GLU B 97 -38.69 -39.15 4.85
C GLU B 97 -38.00 -37.80 4.68
N LEU B 98 -36.85 -37.58 5.33
CA LEU B 98 -36.24 -36.25 5.40
C LEU B 98 -35.76 -35.77 4.02
N ALA B 99 -35.05 -36.63 3.28
CA ALA B 99 -34.48 -36.19 2.00
C ALA B 99 -35.58 -35.77 1.03
N GLY B 100 -36.71 -36.48 1.03
CA GLY B 100 -37.82 -36.08 0.17
C GLY B 100 -38.41 -34.74 0.57
N ILE B 101 -38.47 -34.46 1.88
CA ILE B 101 -39.03 -33.20 2.35
C ILE B 101 -38.13 -32.03 1.98
N VAL B 102 -36.82 -32.16 2.19
CA VAL B 102 -35.92 -31.05 1.91
C VAL B 102 -35.70 -30.81 0.43
N ASN B 103 -35.97 -31.79 -0.43
CA ASN B 103 -35.85 -31.59 -1.86
C ASN B 103 -37.16 -31.21 -2.54
N GLU B 104 -38.28 -31.11 -1.81
CA GLU B 104 -39.53 -30.71 -2.44
C GLU B 104 -39.48 -29.23 -2.79
N SER B 105 -39.79 -28.90 -4.05
CA SER B 105 -39.77 -27.52 -4.50
C SER B 105 -40.68 -27.35 -5.70
N LYS B 106 -41.24 -26.14 -5.82
CA LYS B 106 -42.05 -25.78 -6.97
C LYS B 106 -41.22 -25.62 -8.25
N TYR B 107 -39.92 -25.35 -8.11
CA TYR B 107 -39.06 -25.07 -9.26
C TYR B 107 -37.93 -26.10 -9.32
N ASP B 108 -37.31 -26.21 -10.49
CA ASP B 108 -36.14 -27.08 -10.62
C ASP B 108 -34.99 -26.60 -9.74
N TYR B 109 -34.82 -25.28 -9.59
CA TYR B 109 -33.71 -24.73 -8.84
C TYR B 109 -34.17 -23.60 -7.92
N ASP B 110 -33.50 -23.47 -6.78
CA ASP B 110 -33.73 -22.27 -5.97
C ASP B 110 -33.14 -21.03 -6.64
N LEU B 111 -32.07 -21.18 -7.41
CA LEU B 111 -31.36 -20.06 -8.06
C LEU B 111 -30.84 -20.51 -9.42
N ILE B 112 -31.08 -19.68 -10.43
CA ILE B 112 -30.41 -19.82 -11.72
C ILE B 112 -29.60 -18.55 -11.94
N VAL B 113 -28.29 -18.71 -12.15
CA VAL B 113 -27.40 -17.61 -12.54
C VAL B 113 -27.15 -17.71 -14.03
N ILE B 114 -27.47 -16.63 -14.78
CA ILE B 114 -27.13 -16.53 -16.19
C ILE B 114 -25.84 -15.74 -16.32
N GLY B 115 -24.74 -16.42 -16.67
CA GLY B 115 -23.44 -15.80 -16.86
C GLY B 115 -22.41 -16.31 -15.87
N GLY B 116 -21.33 -16.93 -16.35
CA GLY B 116 -20.36 -17.54 -15.45
C GLY B 116 -19.06 -16.76 -15.28
N GLY B 117 -19.16 -15.48 -14.87
CA GLY B 117 -18.01 -14.61 -14.73
C GLY B 117 -17.74 -14.22 -13.29
N SER B 118 -17.04 -13.07 -13.12
CA SER B 118 -16.64 -12.60 -11.81
C SER B 118 -17.81 -12.61 -10.82
N GLY B 119 -18.92 -11.96 -11.17
CA GLY B 119 -20.06 -11.87 -10.26
C GLY B 119 -20.88 -13.15 -10.20
N GLY B 120 -21.13 -13.76 -11.35
CA GLY B 120 -22.04 -14.91 -11.38
C GLY B 120 -21.52 -16.10 -10.59
N LEU B 121 -20.23 -16.45 -10.79
CA LEU B 121 -19.65 -17.57 -10.08
C LEU B 121 -19.61 -17.31 -8.58
N ALA B 122 -19.33 -16.06 -8.18
CA ALA B 122 -19.28 -15.74 -6.76
C ALA B 122 -20.65 -15.91 -6.12
N ALA B 123 -21.71 -15.42 -6.79
CA ALA B 123 -23.06 -15.55 -6.26
C ALA B 123 -23.49 -17.02 -6.18
N GLY B 124 -23.23 -17.78 -7.23
CA GLY B 124 -23.68 -19.17 -7.25
C GLY B 124 -23.04 -20.02 -6.17
N LYS B 125 -21.72 -19.85 -5.96
CA LYS B 125 -21.04 -20.63 -4.93
C LYS B 125 -21.48 -20.21 -3.54
N GLU B 126 -21.70 -18.91 -3.32
CA GLU B 126 -22.14 -18.48 -1.99
C GLU B 126 -23.55 -18.97 -1.68
N ALA B 127 -24.45 -18.92 -2.65
CA ALA B 127 -25.81 -19.43 -2.43
C ALA B 127 -25.80 -20.92 -2.11
N ALA B 128 -24.97 -21.69 -2.81
CA ALA B 128 -24.96 -23.14 -2.62
C ALA B 128 -24.53 -23.51 -1.20
N LYS B 129 -23.73 -22.67 -0.54
CA LYS B 129 -23.30 -22.99 0.82
C LYS B 129 -24.45 -22.98 1.83
N TYR B 130 -25.59 -22.37 1.50
CA TYR B 130 -26.73 -22.31 2.40
C TYR B 130 -27.85 -23.26 2.00
N GLY B 131 -27.56 -24.27 1.19
CA GLY B 131 -28.55 -25.24 0.81
C GLY B 131 -29.40 -24.89 -0.38
N ALA B 132 -29.14 -23.75 -1.03
CA ALA B 132 -29.86 -23.42 -2.25
C ALA B 132 -29.40 -24.34 -3.39
N LYS B 133 -30.36 -24.95 -4.09
CA LYS B 133 -30.08 -25.76 -5.27
C LYS B 133 -29.86 -24.83 -6.46
N THR B 134 -28.63 -24.81 -6.99
CA THR B 134 -28.15 -23.74 -7.86
C THR B 134 -27.67 -24.30 -9.20
N ALA B 135 -28.02 -23.59 -10.27
CA ALA B 135 -27.46 -23.81 -11.59
C ALA B 135 -26.76 -22.54 -12.07
N VAL B 136 -25.62 -22.72 -12.73
CA VAL B 136 -24.85 -21.62 -13.29
C VAL B 136 -24.68 -21.89 -14.79
N LEU B 137 -25.16 -20.97 -15.62
CA LEU B 137 -25.09 -21.07 -17.06
C LEU B 137 -23.99 -20.14 -17.57
N ASP B 138 -23.13 -20.64 -18.47
CA ASP B 138 -22.14 -19.81 -19.14
C ASP B 138 -21.92 -20.24 -20.59
N TYR B 139 -21.87 -19.25 -21.49
CA TYR B 139 -21.59 -19.43 -22.91
C TYR B 139 -20.76 -18.24 -23.37
N VAL B 140 -19.77 -18.50 -24.22
CA VAL B 140 -18.90 -17.45 -24.75
C VAL B 140 -19.16 -17.38 -26.25
N GLU B 141 -19.90 -16.35 -26.69
CA GLU B 141 -20.08 -16.13 -28.11
C GLU B 141 -18.74 -15.75 -28.74
N PRO B 142 -18.32 -16.42 -29.82
CA PRO B 142 -17.00 -16.13 -30.39
C PRO B 142 -16.92 -14.75 -31.03
N THR B 143 -15.69 -14.23 -31.07
CA THR B 143 -15.41 -12.96 -31.72
C THR B 143 -15.59 -13.12 -33.24
N PRO B 144 -15.60 -12.01 -34.00
CA PRO B 144 -15.69 -12.13 -35.46
C PRO B 144 -14.65 -13.01 -36.12
N ILE B 145 -13.40 -13.06 -35.64
CA ILE B 145 -12.45 -14.01 -36.21
C ILE B 145 -12.56 -15.39 -35.58
N GLY B 146 -13.44 -15.59 -34.60
CA GLY B 146 -13.69 -16.91 -34.05
C GLY B 146 -13.03 -17.23 -32.71
N THR B 147 -12.46 -16.25 -32.02
CA THR B 147 -11.82 -16.52 -30.73
C THR B 147 -12.87 -16.90 -29.69
N THR B 148 -12.56 -17.92 -28.89
CA THR B 148 -13.40 -18.29 -27.74
C THR B 148 -12.49 -18.74 -26.60
N TRP B 149 -13.07 -19.01 -25.43
CA TRP B 149 -12.32 -19.33 -24.20
C TRP B 149 -13.25 -20.03 -23.20
N GLY B 150 -12.70 -20.37 -22.01
CA GLY B 150 -13.39 -21.20 -21.05
C GLY B 150 -14.05 -20.42 -19.92
N LEU B 151 -14.43 -21.15 -18.87
CA LEU B 151 -15.24 -20.60 -17.77
C LEU B 151 -14.47 -19.59 -16.93
N GLY B 152 -15.16 -18.52 -16.53
CA GLY B 152 -14.59 -17.56 -15.59
C GLY B 152 -14.82 -16.08 -15.90
N GLY B 153 -15.19 -15.77 -17.14
CA GLY B 153 -15.60 -14.41 -17.47
C GLY B 153 -14.51 -13.58 -18.11
N THR B 154 -14.80 -12.27 -18.22
CA THR B 154 -13.92 -11.35 -18.96
C THR B 154 -12.59 -11.15 -18.24
N CYS B 155 -12.64 -10.89 -16.93
CA CYS B 155 -11.40 -10.71 -16.15
C CYS B 155 -10.44 -11.89 -16.29
N VAL B 156 -10.93 -13.11 -16.05
CA VAL B 156 -10.09 -14.31 -16.02
C VAL B 156 -9.44 -14.56 -17.38
N ASN B 157 -10.23 -14.46 -18.46
CA ASN B 157 -9.81 -14.93 -19.78
C ASN B 157 -9.28 -13.83 -20.69
N VAL B 158 -9.87 -12.62 -20.69
CA VAL B 158 -9.50 -11.60 -21.67
C VAL B 158 -9.50 -10.21 -21.04
N GLY B 159 -9.12 -10.12 -19.75
CA GLY B 159 -9.17 -8.89 -18.98
C GLY B 159 -8.07 -8.76 -17.93
N CYS B 160 -8.42 -8.55 -16.65
CA CYS B 160 -7.44 -8.16 -15.64
C CYS B 160 -6.26 -9.12 -15.56
N ILE B 161 -6.50 -10.43 -15.69
CA ILE B 161 -5.48 -11.43 -15.42
C ILE B 161 -4.45 -11.46 -16.56
N PRO B 162 -4.82 -11.71 -17.82
CA PRO B 162 -3.80 -11.67 -18.88
C PRO B 162 -3.19 -10.29 -19.08
N LYS B 163 -3.97 -9.22 -18.91
CA LYS B 163 -3.45 -7.87 -19.09
C LYS B 163 -2.33 -7.57 -18.09
N LYS B 164 -2.54 -7.89 -16.81
CA LYS B 164 -1.51 -7.61 -15.81
C LYS B 164 -0.28 -8.51 -16.00
N LEU B 165 -0.47 -9.73 -16.50
CA LEU B 165 0.69 -10.58 -16.75
C LEU B 165 1.54 -10.06 -17.93
N MET B 166 0.91 -9.52 -19.00
CA MET B 166 1.74 -8.93 -20.05
C MET B 166 2.32 -7.58 -19.63
N HIS B 167 1.61 -6.82 -18.80
CA HIS B 167 2.21 -5.66 -18.13
C HIS B 167 3.50 -6.04 -17.38
N GLN B 168 3.46 -7.12 -16.59
CA GLN B 168 4.64 -7.58 -15.86
C GLN B 168 5.78 -7.94 -16.83
N ALA B 169 5.45 -8.59 -17.95
CA ALA B 169 6.46 -8.89 -18.95
C ALA B 169 7.13 -7.61 -19.44
N GLY B 170 6.35 -6.55 -19.63
CA GLY B 170 6.93 -5.27 -20.02
C GLY B 170 7.75 -4.62 -18.92
N LEU B 171 7.27 -4.65 -17.67
CA LEU B 171 8.06 -4.10 -16.57
C LEU B 171 9.42 -4.78 -16.47
N LEU B 172 9.50 -6.08 -16.78
CA LEU B 172 10.76 -6.78 -16.61
C LEU B 172 11.83 -6.29 -17.56
N SER B 173 11.46 -5.65 -18.67
CA SER B 173 12.48 -5.06 -19.56
C SER B 173 13.25 -3.96 -18.85
N HIS B 174 12.56 -3.10 -18.09
CA HIS B 174 13.26 -2.08 -17.29
C HIS B 174 14.05 -2.70 -16.14
N ALA B 175 13.58 -3.82 -15.59
CA ALA B 175 14.38 -4.55 -14.63
C ALA B 175 15.71 -5.01 -15.23
N LEU B 176 15.69 -5.52 -16.47
CA LEU B 176 16.90 -5.90 -17.17
C LEU B 176 17.83 -4.70 -17.36
N GLU B 177 17.27 -3.56 -17.78
CA GLU B 177 18.06 -2.33 -17.89
C GLU B 177 18.65 -1.91 -16.55
N ASP B 178 17.83 -1.93 -15.49
CA ASP B 178 18.28 -1.47 -14.18
C ASP B 178 19.38 -2.37 -13.61
N ALA B 179 19.35 -3.67 -13.91
CA ALA B 179 20.26 -4.60 -13.26
C ALA B 179 21.72 -4.33 -13.60
N GLU B 180 22.01 -3.74 -14.77
CA GLU B 180 23.40 -3.38 -15.06
C GLU B 180 23.93 -2.33 -14.09
N HIS B 181 23.14 -1.30 -13.80
CA HIS B 181 23.59 -0.27 -12.87
C HIS B 181 23.72 -0.78 -11.45
N PHE B 182 23.01 -1.84 -11.09
CA PHE B 182 23.15 -2.44 -9.76
C PHE B 182 24.25 -3.51 -9.71
N GLY B 183 25.03 -3.65 -10.78
CA GLY B 183 26.22 -4.48 -10.79
C GLY B 183 26.11 -5.81 -11.52
N TRP B 184 24.98 -6.12 -12.15
CA TRP B 184 24.85 -7.39 -12.87
C TRP B 184 25.41 -7.28 -14.29
N SER B 185 26.03 -8.38 -14.76
CA SER B 185 26.89 -8.38 -15.93
C SER B 185 26.18 -8.57 -17.27
N LEU B 186 24.85 -8.57 -17.31
CA LEU B 186 24.17 -8.76 -18.59
C LEU B 186 24.26 -7.53 -19.47
N ASP B 187 24.06 -7.73 -20.78
CA ASP B 187 24.00 -6.65 -21.77
C ASP B 187 22.58 -6.56 -22.34
N ARG B 188 21.79 -5.60 -21.82
CA ARG B 188 20.38 -5.45 -22.19
C ARG B 188 20.16 -5.30 -23.70
N SER B 189 21.15 -4.74 -24.42
CA SER B 189 20.97 -4.49 -25.85
C SER B 189 20.99 -5.76 -26.68
N LYS B 190 21.51 -6.86 -26.15
CA LYS B 190 21.60 -8.11 -26.89
C LYS B 190 20.53 -9.13 -26.46
N ILE B 191 19.39 -8.64 -25.96
CA ILE B 191 18.33 -9.50 -25.46
C ILE B 191 17.03 -9.12 -26.18
N SER B 192 16.29 -10.13 -26.64
CA SER B 192 15.04 -9.93 -27.36
C SER B 192 13.90 -10.65 -26.65
N HIS B 193 12.67 -10.36 -27.09
CA HIS B 193 11.47 -10.94 -26.50
C HIS B 193 10.74 -11.85 -27.49
N ASN B 194 10.22 -12.98 -26.99
CA ASN B 194 9.45 -13.95 -27.79
C ASN B 194 7.98 -13.91 -27.38
N TRP B 195 7.16 -13.29 -28.22
CA TRP B 195 5.73 -13.15 -27.96
C TRP B 195 5.05 -14.48 -27.69
N SER B 196 5.32 -15.48 -28.54
CA SER B 196 4.56 -16.72 -28.42
C SER B 196 4.94 -17.50 -27.16
N THR B 197 6.20 -17.40 -26.69
CA THR B 197 6.55 -18.01 -25.40
C THR B 197 5.76 -17.38 -24.24
N MET B 198 5.67 -16.04 -24.22
CA MET B 198 4.79 -15.32 -23.28
C MET B 198 3.36 -15.83 -23.34
N VAL B 199 2.74 -15.78 -24.51
CA VAL B 199 1.33 -16.14 -24.64
C VAL B 199 1.08 -17.56 -24.14
N GLU B 200 1.99 -18.50 -24.42
CA GLU B 200 1.83 -19.86 -23.93
C GLU B 200 1.81 -19.92 -22.40
N GLY B 201 2.75 -19.21 -21.75
CA GLY B 201 2.72 -19.17 -20.29
C GLY B 201 1.45 -18.52 -19.76
N VAL B 202 1.02 -17.42 -20.39
CA VAL B 202 -0.18 -16.73 -19.92
C VAL B 202 -1.40 -17.62 -20.09
N GLN B 203 -1.52 -18.28 -21.24
CA GLN B 203 -2.68 -19.14 -21.50
C GLN B 203 -2.66 -20.40 -20.63
N SER B 204 -1.48 -20.88 -20.24
CA SER B 204 -1.44 -22.02 -19.34
C SER B 204 -1.97 -21.65 -17.95
N HIS B 205 -1.67 -20.44 -17.45
CA HIS B 205 -2.28 -20.02 -16.19
C HIS B 205 -3.80 -19.87 -16.33
N ILE B 206 -4.27 -19.22 -17.40
CA ILE B 206 -5.71 -19.07 -17.58
C ILE B 206 -6.40 -20.44 -17.61
N GLY B 207 -5.77 -21.42 -18.25
CA GLY B 207 -6.33 -22.78 -18.25
C GLY B 207 -6.47 -23.35 -16.84
N SER B 208 -5.49 -23.10 -15.97
CA SER B 208 -5.60 -23.60 -14.60
C SER B 208 -6.75 -22.90 -13.86
N LEU B 209 -7.07 -21.65 -14.21
CA LEU B 209 -8.22 -20.99 -13.62
C LEU B 209 -9.53 -21.55 -14.17
N ASN B 210 -9.64 -21.74 -15.49
CA ASN B 210 -10.84 -22.39 -16.06
C ASN B 210 -11.16 -23.68 -15.31
N TRP B 211 -10.12 -24.51 -15.09
CA TRP B 211 -10.31 -25.81 -14.45
C TRP B 211 -10.65 -25.65 -12.97
N GLY B 212 -9.94 -24.75 -12.28
CA GLY B 212 -10.27 -24.47 -10.88
C GLY B 212 -11.74 -24.12 -10.66
N TYR B 213 -12.32 -23.30 -11.55
CA TYR B 213 -13.73 -22.94 -11.39
C TYR B 213 -14.67 -24.12 -11.64
N LYS B 214 -14.39 -24.96 -12.64
CA LYS B 214 -15.20 -26.17 -12.82
C LYS B 214 -15.13 -27.08 -11.60
N VAL B 215 -13.95 -27.18 -10.98
CA VAL B 215 -13.81 -28.02 -9.80
C VAL B 215 -14.53 -27.41 -8.60
N ALA B 216 -14.41 -26.09 -8.44
CA ALA B 216 -15.12 -25.41 -7.36
C ALA B 216 -16.63 -25.63 -7.45
N LEU B 217 -17.21 -25.53 -8.66
CA LEU B 217 -18.65 -25.71 -8.77
C LEU B 217 -19.05 -27.15 -8.41
N ARG B 218 -18.32 -28.14 -8.92
CA ARG B 218 -18.60 -29.53 -8.58
C ARG B 218 -18.56 -29.75 -7.06
N ASP B 219 -17.55 -29.22 -6.39
CA ASP B 219 -17.42 -29.43 -4.95
C ASP B 219 -18.43 -28.63 -4.12
N ASN B 220 -19.15 -27.68 -4.71
CA ASN B 220 -20.26 -27.03 -4.02
C ASN B 220 -21.62 -27.56 -4.46
N GLN B 221 -21.66 -28.66 -5.23
CA GLN B 221 -22.92 -29.25 -5.71
C GLN B 221 -23.70 -28.26 -6.59
N VAL B 222 -23.00 -27.46 -7.38
CA VAL B 222 -23.62 -26.51 -8.32
C VAL B 222 -23.65 -27.15 -9.69
N THR B 223 -24.82 -27.12 -10.34
CA THR B 223 -24.95 -27.60 -11.72
C THR B 223 -24.39 -26.56 -12.68
N TYR B 224 -23.39 -26.96 -13.48
CA TYR B 224 -22.79 -26.08 -14.49
C TYR B 224 -23.28 -26.52 -15.86
N LEU B 225 -23.98 -25.62 -16.56
CA LEU B 225 -24.40 -25.84 -17.93
C LEU B 225 -23.66 -24.86 -18.85
N ASN B 226 -22.87 -25.42 -19.77
CA ASN B 226 -22.21 -24.61 -20.80
C ASN B 226 -23.23 -24.43 -21.94
N ALA B 227 -24.15 -23.49 -21.73
CA ALA B 227 -25.29 -23.31 -22.61
C ALA B 227 -25.75 -21.86 -22.56
N LYS B 228 -26.33 -21.39 -23.65
CA LYS B 228 -26.76 -20.00 -23.74
C LYS B 228 -28.16 -19.87 -23.13
N GLY B 229 -28.30 -18.99 -22.15
CA GLY B 229 -29.55 -18.80 -21.43
C GLY B 229 -30.34 -17.58 -21.89
N ARG B 230 -31.65 -17.66 -21.71
CA ARG B 230 -32.58 -16.61 -22.14
C ARG B 230 -33.78 -16.62 -21.19
N LEU B 231 -34.04 -15.49 -20.54
CA LEU B 231 -35.17 -15.37 -19.63
C LEU B 231 -36.44 -15.06 -20.41
N ILE B 232 -37.41 -15.97 -20.39
CA ILE B 232 -38.61 -15.82 -21.20
C ILE B 232 -39.82 -15.46 -20.33
N SER B 233 -39.81 -15.86 -19.07
CA SER B 233 -40.80 -15.35 -18.13
C SER B 233 -40.12 -15.21 -16.77
N PRO B 234 -40.76 -14.61 -15.75
CA PRO B 234 -40.07 -14.41 -14.46
C PRO B 234 -39.33 -15.62 -13.91
N HIS B 235 -39.85 -16.84 -14.08
CA HIS B 235 -39.24 -18.03 -13.50
C HIS B 235 -38.73 -19.04 -14.53
N GLU B 236 -38.80 -18.75 -15.82
CA GLU B 236 -38.48 -19.72 -16.86
C GLU B 236 -37.25 -19.26 -17.64
N VAL B 237 -36.28 -20.16 -17.80
CA VAL B 237 -35.04 -19.87 -18.53
C VAL B 237 -34.89 -20.89 -19.66
N GLN B 238 -34.89 -20.41 -20.90
CA GLN B 238 -34.67 -21.25 -22.05
C GLN B 238 -33.18 -21.35 -22.34
N ILE B 239 -32.68 -22.58 -22.49
CA ILE B 239 -31.26 -22.85 -22.68
C ILE B 239 -31.06 -23.54 -24.03
N THR B 240 -29.96 -23.20 -24.70
CA THR B 240 -29.58 -23.82 -25.95
C THR B 240 -28.23 -24.51 -25.81
N ASP B 241 -28.15 -25.73 -26.32
CA ASP B 241 -27.06 -26.69 -26.22
C ASP B 241 -25.89 -26.31 -27.12
N LYS B 242 -24.76 -27.01 -26.92
CA LYS B 242 -23.70 -27.00 -27.93
C LYS B 242 -24.15 -27.68 -29.22
N ASN B 243 -25.17 -28.55 -29.13
CA ASN B 243 -25.80 -29.19 -30.28
C ASN B 243 -27.05 -28.44 -30.75
N GLN B 244 -27.24 -27.19 -30.32
CA GLN B 244 -28.38 -26.37 -30.68
C GLN B 244 -29.70 -26.95 -30.16
N LYS B 245 -29.65 -27.87 -29.19
CA LYS B 245 -30.86 -28.40 -28.56
C LYS B 245 -31.44 -27.38 -27.56
N VAL B 246 -32.74 -27.11 -27.68
CA VAL B 246 -33.43 -26.10 -26.89
C VAL B 246 -34.31 -26.78 -25.84
N SER B 247 -34.34 -26.21 -24.63
CA SER B 247 -35.18 -26.74 -23.55
C SER B 247 -35.40 -25.65 -22.51
N THR B 248 -36.19 -25.95 -21.47
CA THR B 248 -36.57 -24.95 -20.46
C THR B 248 -36.33 -25.48 -19.07
N ILE B 249 -35.81 -24.61 -18.18
CA ILE B 249 -35.64 -24.93 -16.77
C ILE B 249 -36.27 -23.79 -15.98
N THR B 250 -36.66 -24.10 -14.74
CA THR B 250 -37.33 -23.14 -13.89
C THR B 250 -36.54 -22.92 -12.60
N GLY B 251 -36.62 -21.70 -12.09
CA GLY B 251 -35.93 -21.37 -10.85
C GLY B 251 -36.72 -20.34 -10.07
N ASN B 252 -36.51 -20.35 -8.75
CA ASN B 252 -37.20 -19.40 -7.88
C ASN B 252 -36.61 -17.99 -8.06
N LYS B 253 -35.35 -17.79 -7.64
CA LYS B 253 -34.64 -16.54 -7.89
C LYS B 253 -33.76 -16.64 -9.12
N ILE B 254 -33.64 -15.52 -9.85
CA ILE B 254 -32.81 -15.43 -11.05
C ILE B 254 -31.79 -14.32 -10.83
N ILE B 255 -30.54 -14.58 -11.21
CA ILE B 255 -29.50 -13.54 -11.19
C ILE B 255 -28.96 -13.40 -12.60
N LEU B 256 -29.10 -12.19 -13.17
CA LEU B 256 -28.50 -11.84 -14.44
C LEU B 256 -27.08 -11.34 -14.20
N ALA B 257 -26.10 -11.97 -14.84
CA ALA B 257 -24.69 -11.62 -14.64
C ALA B 257 -23.90 -11.85 -15.92
N THR B 258 -24.39 -11.33 -17.04
CA THR B 258 -23.88 -11.68 -18.37
C THR B 258 -22.83 -10.73 -18.92
N GLY B 259 -22.50 -9.63 -18.24
CA GLY B 259 -21.35 -8.83 -18.68
C GLY B 259 -21.53 -8.05 -19.99
N GLU B 260 -20.39 -7.68 -20.59
CA GLU B 260 -20.34 -6.86 -21.80
C GLU B 260 -19.31 -7.43 -22.78
N ARG B 261 -19.27 -6.87 -23.98
CA ARG B 261 -18.29 -7.19 -25.03
C ARG B 261 -17.85 -5.92 -25.75
N PRO B 262 -16.70 -5.96 -26.40
CA PRO B 262 -16.17 -4.74 -27.04
C PRO B 262 -17.04 -4.24 -28.18
N LYS B 263 -17.12 -2.92 -28.33
CA LYS B 263 -17.72 -2.28 -29.50
C LYS B 263 -16.73 -2.13 -30.66
N TYR B 264 -17.28 -2.05 -31.87
CA TYR B 264 -16.57 -1.67 -33.08
C TYR B 264 -17.14 -0.36 -33.63
N PRO B 265 -16.32 0.52 -34.19
CA PRO B 265 -16.89 1.69 -34.87
C PRO B 265 -17.55 1.27 -36.18
N GLU B 266 -18.61 1.97 -36.56
CA GLU B 266 -19.34 1.64 -37.79
C GLU B 266 -18.64 2.25 -39.01
N ILE B 267 -17.52 1.63 -39.39
CA ILE B 267 -16.77 2.05 -40.57
C ILE B 267 -16.32 0.80 -41.34
N PRO B 268 -16.14 0.97 -42.66
CA PRO B 268 -15.78 -0.19 -43.48
C PRO B 268 -14.44 -0.79 -43.06
N GLY B 269 -14.41 -2.12 -42.98
CA GLY B 269 -13.21 -2.86 -42.68
C GLY B 269 -12.97 -3.17 -41.22
N ALA B 270 -13.68 -2.51 -40.30
CA ALA B 270 -13.33 -2.62 -38.89
C ALA B 270 -13.53 -4.04 -38.37
N VAL B 271 -14.72 -4.60 -38.57
CA VAL B 271 -15.02 -5.95 -38.12
C VAL B 271 -14.17 -6.97 -38.87
N GLU B 272 -14.00 -6.76 -40.18
CA GLU B 272 -13.31 -7.73 -41.02
C GLU B 272 -11.80 -7.79 -40.73
N TYR B 273 -11.16 -6.64 -40.52
CA TYR B 273 -9.70 -6.62 -40.53
C TYR B 273 -9.05 -6.18 -39.22
N GLY B 274 -9.79 -5.54 -38.30
CA GLY B 274 -9.27 -5.21 -36.98
C GLY B 274 -9.48 -6.33 -35.96
N ILE B 275 -8.96 -6.11 -34.74
CA ILE B 275 -9.20 -7.00 -33.60
C ILE B 275 -9.51 -6.15 -32.37
N THR B 276 -9.85 -6.81 -31.26
CA THR B 276 -10.08 -6.15 -29.97
C THR B 276 -9.31 -6.88 -28.87
N SER B 277 -9.46 -6.39 -27.63
CA SER B 277 -8.80 -7.05 -26.49
C SER B 277 -9.23 -8.51 -26.36
N ASP B 278 -10.45 -8.85 -26.80
CA ASP B 278 -10.89 -10.25 -26.78
C ASP B 278 -9.93 -11.17 -27.54
N ASP B 279 -9.31 -10.67 -28.61
CA ASP B 279 -8.43 -11.47 -29.47
C ASP B 279 -6.97 -11.37 -29.05
N LEU B 280 -6.58 -10.27 -28.39
CA LEU B 280 -5.17 -9.94 -28.22
C LEU B 280 -4.47 -10.94 -27.31
N PHE B 281 -5.15 -11.40 -26.27
CA PHE B 281 -4.46 -12.14 -25.22
C PHE B 281 -4.15 -13.59 -25.59
N SER B 282 -4.74 -14.12 -26.67
CA SER B 282 -4.33 -15.41 -27.21
C SER B 282 -3.82 -15.32 -28.65
N LEU B 283 -3.46 -14.12 -29.13
CA LEU B 283 -3.00 -13.98 -30.52
C LEU B 283 -1.78 -14.88 -30.75
N PRO B 284 -1.78 -15.71 -31.80
CA PRO B 284 -0.64 -16.61 -32.01
C PRO B 284 0.61 -15.93 -32.55
N TYR B 285 0.51 -14.76 -33.16
CA TYR B 285 1.64 -14.06 -33.75
C TYR B 285 1.84 -12.71 -33.07
N PHE B 286 3.08 -12.22 -33.03
CA PHE B 286 3.29 -10.87 -32.52
C PHE B 286 2.51 -9.89 -33.38
N PRO B 287 1.82 -8.92 -32.77
CA PRO B 287 1.08 -7.94 -33.57
C PRO B 287 1.92 -7.13 -34.53
N GLY B 288 3.20 -6.87 -34.22
CA GLY B 288 4.03 -6.05 -35.09
C GLY B 288 3.71 -4.57 -34.95
N LYS B 289 3.99 -3.81 -36.01
CA LYS B 289 3.59 -2.41 -36.01
C LYS B 289 2.08 -2.28 -35.83
N THR B 290 1.65 -1.65 -34.73
CA THR B 290 0.26 -1.70 -34.26
C THR B 290 -0.32 -0.31 -34.09
N LEU B 291 -1.59 -0.16 -34.49
CA LEU B 291 -2.40 1.02 -34.22
C LEU B 291 -3.45 0.64 -33.19
N VAL B 292 -3.52 1.37 -32.08
CA VAL B 292 -4.58 1.21 -31.08
C VAL B 292 -5.51 2.41 -31.23
N ILE B 293 -6.78 2.13 -31.51
CA ILE B 293 -7.79 3.17 -31.71
C ILE B 293 -8.63 3.26 -30.45
N GLY B 294 -8.64 4.46 -29.84
CA GLY B 294 -9.30 4.70 -28.57
C GLY B 294 -8.33 5.23 -27.53
N ALA B 295 -8.90 5.58 -26.38
CA ALA B 295 -8.13 6.30 -25.35
C ALA B 295 -8.57 5.98 -23.92
N SER B 296 -9.31 4.88 -23.71
CA SER B 296 -9.73 4.36 -22.42
C SER B 296 -8.57 3.66 -21.70
N TYR B 297 -8.82 3.16 -20.48
CA TYR B 297 -7.73 2.48 -19.78
C TYR B 297 -7.32 1.20 -20.50
N VAL B 298 -8.23 0.56 -21.23
CA VAL B 298 -7.88 -0.64 -21.99
C VAL B 298 -6.90 -0.29 -23.11
N ALA B 299 -7.20 0.78 -23.85
CA ALA B 299 -6.34 1.20 -24.95
C ALA B 299 -4.92 1.52 -24.47
N LEU B 300 -4.81 2.34 -23.42
CA LEU B 300 -3.48 2.76 -22.96
C LEU B 300 -2.70 1.61 -22.32
N GLU B 301 -3.38 0.73 -21.57
CA GLU B 301 -2.69 -0.40 -20.96
C GLU B 301 -2.11 -1.32 -22.03
N CYS B 302 -2.90 -1.61 -23.07
CA CYS B 302 -2.41 -2.42 -24.20
C CYS B 302 -1.29 -1.73 -24.97
N ALA B 303 -1.47 -0.47 -25.37
CA ALA B 303 -0.39 0.22 -26.08
C ALA B 303 0.88 0.19 -25.23
N GLY B 304 0.73 0.34 -23.91
CA GLY B 304 1.89 0.44 -23.04
C GLY B 304 2.74 -0.82 -23.02
N PHE B 305 2.12 -1.98 -22.78
CA PHE B 305 2.98 -3.16 -22.73
C PHE B 305 3.48 -3.56 -24.12
N LEU B 306 2.72 -3.32 -25.19
CA LEU B 306 3.23 -3.62 -26.52
C LEU B 306 4.50 -2.83 -26.82
N ALA B 307 4.57 -1.57 -26.38
CA ALA B 307 5.77 -0.78 -26.59
C ALA B 307 6.94 -1.31 -25.77
N SER B 308 6.68 -1.72 -24.52
CA SER B 308 7.75 -2.25 -23.67
C SER B 308 8.30 -3.58 -24.16
N LEU B 309 7.51 -4.34 -24.91
CA LEU B 309 7.97 -5.58 -25.49
C LEU B 309 8.68 -5.38 -26.83
N GLY B 310 8.81 -4.14 -27.30
CA GLY B 310 9.56 -3.84 -28.50
C GLY B 310 8.73 -3.46 -29.71
N GLY B 311 7.41 -3.37 -29.58
CA GLY B 311 6.58 -3.05 -30.73
C GLY B 311 6.66 -1.57 -31.11
N ASP B 312 6.27 -1.30 -32.36
CA ASP B 312 6.11 0.04 -32.92
C ASP B 312 4.62 0.38 -32.79
N VAL B 313 4.27 1.30 -31.90
CA VAL B 313 2.89 1.43 -31.42
C VAL B 313 2.44 2.87 -31.55
N THR B 314 1.22 3.06 -32.11
CA THR B 314 0.57 4.36 -32.22
C THR B 314 -0.82 4.27 -31.61
N VAL B 315 -1.23 5.34 -30.93
CA VAL B 315 -2.57 5.44 -30.37
C VAL B 315 -3.26 6.62 -31.02
N MET B 316 -4.45 6.38 -31.59
CA MET B 316 -5.26 7.42 -32.23
C MET B 316 -6.30 7.88 -31.23
N VAL B 317 -6.26 9.17 -30.88
CA VAL B 317 -7.06 9.75 -29.80
C VAL B 317 -8.08 10.71 -30.40
N ARG B 318 -9.37 10.48 -30.12
CA ARG B 318 -10.41 11.33 -30.69
C ARG B 318 -10.45 12.70 -30.00
N SER B 319 -10.44 12.73 -28.67
CA SER B 319 -10.46 13.99 -27.90
C SER B 319 -9.41 13.97 -26.80
N ILE B 320 -9.69 13.30 -25.67
CA ILE B 320 -8.80 13.31 -24.50
C ILE B 320 -8.45 11.87 -24.08
N LEU B 321 -7.43 11.77 -23.23
CA LEU B 321 -7.08 10.51 -22.57
C LEU B 321 -7.90 10.32 -21.28
N LEU B 322 -8.36 9.08 -21.07
CA LEU B 322 -8.96 8.65 -19.79
C LEU B 322 -10.13 9.55 -19.38
N ARG B 323 -11.08 9.72 -20.29
CA ARG B 323 -12.26 10.53 -19.98
C ARG B 323 -12.96 10.00 -18.74
N GLY B 324 -13.29 10.89 -17.82
CA GLY B 324 -13.87 10.50 -16.54
C GLY B 324 -12.88 10.36 -15.41
N PHE B 325 -11.59 10.31 -15.71
CA PHE B 325 -10.53 10.33 -14.69
C PHE B 325 -9.98 11.76 -14.56
N ASP B 326 -9.40 12.06 -13.40
CA ASP B 326 -8.63 13.28 -13.19
C ASP B 326 -7.73 13.60 -14.38
N GLN B 327 -7.97 14.76 -15.02
CA GLN B 327 -7.32 15.03 -16.28
C GLN B 327 -5.87 15.49 -16.11
N GLN B 328 -5.51 16.07 -14.96
CA GLN B 328 -4.08 16.33 -14.72
C GLN B 328 -3.30 15.03 -14.68
N MET B 329 -3.83 14.03 -13.97
CA MET B 329 -3.17 12.72 -13.89
C MET B 329 -3.17 12.00 -15.24
N ALA B 330 -4.27 12.07 -15.99
CA ALA B 330 -4.32 11.45 -17.31
C ALA B 330 -3.23 11.99 -18.21
N GLU B 331 -3.01 13.31 -18.18
CA GLU B 331 -1.95 13.92 -19.00
C GLU B 331 -0.57 13.45 -18.56
N LYS B 332 -0.33 13.35 -17.25
CA LYS B 332 0.96 12.86 -16.77
C LYS B 332 1.22 11.42 -17.23
N VAL B 333 0.18 10.58 -17.19
CA VAL B 333 0.26 9.20 -17.68
C VAL B 333 0.64 9.18 -19.16
N GLY B 334 -0.03 10.00 -19.97
CA GLY B 334 0.23 10.00 -21.40
C GLY B 334 1.59 10.59 -21.77
N ASP B 335 2.03 11.62 -21.04
CA ASP B 335 3.36 12.18 -21.26
C ASP B 335 4.45 11.14 -20.98
N TYR B 336 4.27 10.32 -19.93
CA TYR B 336 5.25 9.29 -19.65
C TYR B 336 5.33 8.29 -20.82
N MET B 337 4.18 7.85 -21.34
CA MET B 337 4.25 6.88 -22.43
C MET B 337 4.80 7.47 -23.71
N GLU B 338 4.54 8.77 -23.98
CA GLU B 338 5.10 9.41 -25.16
C GLU B 338 6.61 9.53 -25.07
N ASN B 339 7.14 9.78 -23.87
CA ASN B 339 8.58 9.84 -23.68
C ASN B 339 9.22 8.47 -23.71
N HIS B 340 8.48 7.41 -23.44
CA HIS B 340 9.01 6.06 -23.52
C HIS B 340 8.49 5.29 -24.74
N GLY B 341 8.21 6.00 -25.85
CA GLY B 341 8.15 5.38 -27.15
C GLY B 341 6.78 5.09 -27.74
N VAL B 342 5.69 5.42 -27.06
CA VAL B 342 4.37 5.34 -27.68
C VAL B 342 4.11 6.64 -28.44
N LYS B 343 3.69 6.53 -29.71
CA LYS B 343 3.33 7.69 -30.52
C LYS B 343 1.83 7.93 -30.45
N PHE B 344 1.41 9.20 -30.47
CA PHE B 344 0.00 9.56 -30.38
C PHE B 344 -0.42 10.35 -31.62
N ALA B 345 -1.55 9.97 -32.21
CA ALA B 345 -2.20 10.76 -33.26
C ALA B 345 -3.41 11.44 -32.62
N LYS B 346 -3.26 12.72 -32.31
CA LYS B 346 -4.17 13.44 -31.43
C LYS B 346 -5.28 14.14 -32.20
N LEU B 347 -6.45 14.25 -31.57
CA LEU B 347 -7.65 14.82 -32.17
C LEU B 347 -7.93 14.21 -33.55
N CYS B 348 -7.86 12.88 -33.61
CA CYS B 348 -7.93 12.12 -34.85
C CYS B 348 -8.99 11.01 -34.71
N VAL B 349 -9.55 10.60 -35.85
CA VAL B 349 -10.64 9.63 -35.92
C VAL B 349 -10.49 8.80 -37.19
N PRO B 350 -10.83 7.50 -37.20
CA PRO B 350 -10.65 6.69 -38.41
C PRO B 350 -11.87 6.67 -39.32
N ASP B 351 -11.61 6.53 -40.63
CA ASP B 351 -12.67 6.46 -41.64
C ASP B 351 -12.83 5.10 -42.30
N GLU B 352 -11.76 4.32 -42.47
CA GLU B 352 -11.87 3.01 -43.11
C GLU B 352 -10.58 2.23 -42.89
N ILE B 353 -10.70 0.90 -42.90
CA ILE B 353 -9.56 -0.02 -42.86
C ILE B 353 -9.53 -0.78 -44.18
N LYS B 354 -8.43 -0.67 -44.90
CA LYS B 354 -8.25 -1.38 -46.17
C LYS B 354 -7.26 -2.51 -45.96
N GLN B 355 -7.60 -3.71 -46.45
CA GLN B 355 -6.71 -4.85 -46.35
C GLN B 355 -5.70 -4.85 -47.48
N LEU B 356 -4.41 -5.00 -47.13
CA LEU B 356 -3.35 -5.13 -48.11
C LEU B 356 -2.74 -6.51 -48.16
N LYS B 357 -2.94 -7.30 -47.12
CA LYS B 357 -2.25 -8.58 -46.97
C LYS B 357 -3.01 -9.39 -45.93
N VAL B 358 -3.47 -10.58 -46.32
CA VAL B 358 -4.21 -11.46 -45.41
C VAL B 358 -3.28 -12.02 -44.34
N VAL B 359 -3.81 -12.22 -43.12
CA VAL B 359 -3.07 -12.89 -42.04
C VAL B 359 -2.58 -14.26 -42.50
N ASP B 360 -1.30 -14.55 -42.23
CA ASP B 360 -0.65 -15.80 -42.64
C ASP B 360 -0.70 -16.80 -41.48
N THR B 361 -1.75 -17.63 -41.47
CA THR B 361 -1.90 -18.64 -40.42
C THR B 361 -0.77 -19.65 -40.44
N GLU B 362 -0.30 -20.02 -41.62
CA GLU B 362 0.74 -21.02 -41.80
C GLU B 362 2.02 -20.63 -41.06
N ASN B 363 2.70 -19.57 -41.54
CA ASN B 363 3.98 -19.12 -41.00
C ASN B 363 3.84 -18.23 -39.78
N ASN B 364 2.63 -18.04 -39.27
CA ASN B 364 2.39 -17.34 -38.01
C ASN B 364 2.84 -15.88 -38.09
N LYS B 365 2.24 -15.15 -39.03
CA LYS B 365 2.60 -13.76 -39.27
C LYS B 365 1.33 -12.93 -39.41
N PRO B 366 1.35 -11.68 -38.98
CA PRO B 366 0.21 -10.80 -39.23
C PRO B 366 0.10 -10.45 -40.71
N GLY B 367 -1.02 -9.84 -41.07
CA GLY B 367 -1.21 -9.28 -42.39
C GLY B 367 -0.66 -7.87 -42.49
N LEU B 368 -1.34 -7.05 -43.31
CA LEU B 368 -0.96 -5.67 -43.50
C LEU B 368 -2.20 -4.86 -43.88
N LEU B 369 -2.36 -3.69 -43.25
CA LEU B 369 -3.57 -2.90 -43.37
C LEU B 369 -3.23 -1.44 -43.68
N LEU B 370 -4.15 -0.75 -44.37
CA LEU B 370 -4.04 0.68 -44.61
C LEU B 370 -5.17 1.39 -43.86
N VAL B 371 -4.81 2.30 -42.96
CA VAL B 371 -5.79 3.04 -42.16
C VAL B 371 -5.91 4.45 -42.72
N LYS B 372 -7.14 4.88 -43.01
CA LYS B 372 -7.45 6.21 -43.51
C LYS B 372 -8.31 6.91 -42.46
N GLY B 373 -7.97 8.15 -42.14
CA GLY B 373 -8.75 8.92 -41.20
C GLY B 373 -8.53 10.41 -41.39
N HIS B 374 -9.06 11.20 -40.45
CA HIS B 374 -8.89 12.65 -40.51
C HIS B 374 -8.87 13.27 -39.11
N TYR B 375 -8.23 14.44 -39.01
CA TYR B 375 -8.17 15.25 -37.80
C TYR B 375 -9.32 16.26 -37.74
N THR B 376 -9.61 16.75 -36.53
CA THR B 376 -10.73 17.67 -36.35
C THR B 376 -10.56 18.98 -37.13
N ASP B 377 -9.33 19.33 -37.51
CA ASP B 377 -9.07 20.51 -38.32
C ASP B 377 -9.28 20.27 -39.81
N GLY B 378 -9.53 19.03 -40.23
CA GLY B 378 -9.79 18.70 -41.62
C GLY B 378 -8.70 17.93 -42.33
N LYS B 379 -7.44 18.03 -41.87
CA LYS B 379 -6.36 17.28 -42.51
C LYS B 379 -6.60 15.77 -42.41
N LYS B 380 -5.83 15.02 -43.20
CA LYS B 380 -6.04 13.60 -43.41
C LYS B 380 -4.97 12.76 -42.74
N PHE B 381 -5.33 11.53 -42.38
CA PHE B 381 -4.43 10.54 -41.82
C PHE B 381 -4.33 9.37 -42.79
N GLU B 382 -3.12 8.91 -43.09
CA GLU B 382 -2.94 7.73 -43.92
C GLU B 382 -1.62 7.06 -43.56
N GLU B 383 -1.68 5.79 -43.17
CA GLU B 383 -0.51 5.06 -42.68
C GLU B 383 -0.84 3.57 -42.66
N GLU B 384 0.17 2.75 -42.93
CA GLU B 384 0.02 1.31 -42.91
C GLU B 384 0.39 0.77 -41.53
N PHE B 385 -0.26 -0.32 -41.14
CA PHE B 385 -0.05 -1.01 -39.87
C PHE B 385 -0.26 -2.50 -40.09
N GLU B 386 0.44 -3.33 -39.30
CA GLU B 386 0.23 -4.77 -39.37
C GLU B 386 -0.97 -5.22 -38.54
N THR B 387 -1.28 -4.54 -37.44
CA THR B 387 -2.41 -4.90 -36.58
C THR B 387 -3.14 -3.62 -36.21
N VAL B 388 -4.47 -3.67 -36.20
CA VAL B 388 -5.28 -2.55 -35.71
C VAL B 388 -6.18 -3.09 -34.61
N ILE B 389 -6.12 -2.46 -33.43
CA ILE B 389 -6.86 -2.89 -32.24
C ILE B 389 -7.85 -1.80 -31.87
N PHE B 390 -9.13 -2.16 -31.79
CA PHE B 390 -10.17 -1.21 -31.39
C PHE B 390 -10.43 -1.32 -29.90
N ALA B 391 -10.35 -0.18 -29.19
CA ALA B 391 -10.76 -0.10 -27.78
C ALA B 391 -11.57 1.18 -27.61
N VAL B 392 -12.80 1.14 -28.15
CA VAL B 392 -13.68 2.30 -28.17
C VAL B 392 -14.92 2.03 -27.31
N GLY B 393 -14.78 1.23 -26.26
CA GLY B 393 -15.83 1.03 -25.29
C GLY B 393 -16.37 -0.40 -25.34
N ARG B 394 -17.29 -0.66 -24.39
CA ARG B 394 -17.91 -1.98 -24.20
C ARG B 394 -19.41 -1.79 -23.94
N GLU B 395 -20.22 -2.81 -24.26
CA GLU B 395 -21.67 -2.69 -24.14
C GLU B 395 -22.31 -4.04 -23.87
N PRO B 396 -23.44 -4.08 -23.19
CA PRO B 396 -24.18 -5.35 -23.04
C PRO B 396 -25.03 -5.61 -24.28
N GLN B 397 -25.60 -6.81 -24.33
CA GLN B 397 -26.52 -7.16 -25.42
C GLN B 397 -27.67 -7.94 -24.79
N LEU B 398 -28.51 -7.25 -24.03
CA LEU B 398 -29.53 -7.94 -23.25
C LEU B 398 -30.73 -8.39 -24.06
N SER B 399 -30.90 -7.88 -25.28
CA SER B 399 -31.87 -8.49 -26.20
C SER B 399 -31.55 -9.98 -26.43
N LYS B 400 -30.28 -10.34 -26.41
CA LYS B 400 -29.86 -11.74 -26.52
C LYS B 400 -30.16 -12.55 -25.26
N VAL B 401 -30.60 -11.91 -24.18
CA VAL B 401 -30.66 -12.54 -22.88
C VAL B 401 -32.07 -12.47 -22.30
N LEU B 402 -32.79 -11.40 -22.63
CA LEU B 402 -34.00 -11.03 -21.92
C LEU B 402 -35.13 -10.84 -22.92
N CYS B 403 -36.24 -11.57 -22.75
CA CYS B 403 -37.45 -11.27 -23.50
C CYS B 403 -38.09 -9.96 -23.04
N GLU B 404 -38.31 -9.06 -24.00
CA GLU B 404 -39.00 -7.79 -23.77
C GLU B 404 -40.26 -7.96 -22.95
N THR B 405 -40.95 -9.09 -23.09
CA THR B 405 -42.23 -9.29 -22.41
C THR B 405 -42.08 -9.58 -20.91
N VAL B 406 -40.87 -9.91 -20.44
CA VAL B 406 -40.72 -10.27 -19.03
C VAL B 406 -40.95 -9.06 -18.13
N GLY B 407 -40.61 -7.87 -18.61
CA GLY B 407 -40.83 -6.66 -17.85
C GLY B 407 -39.64 -6.14 -17.06
N VAL B 408 -38.41 -6.50 -17.44
CA VAL B 408 -37.21 -5.98 -16.79
C VAL B 408 -36.83 -4.65 -17.44
N LYS B 409 -36.85 -3.57 -16.66
CA LYS B 409 -36.56 -2.23 -17.17
C LYS B 409 -35.06 -2.03 -17.42
N LEU B 410 -34.75 -1.47 -18.60
CA LEU B 410 -33.39 -1.10 -18.99
C LEU B 410 -33.28 0.42 -19.13
N ASP B 411 -32.06 0.94 -19.01
CA ASP B 411 -31.85 2.38 -19.18
C ASP B 411 -31.52 2.66 -20.65
N LYS B 412 -31.13 3.90 -20.95
CA LYS B 412 -30.92 4.28 -22.35
C LYS B 412 -29.67 3.66 -22.95
N ASN B 413 -28.71 3.23 -22.14
CA ASN B 413 -27.52 2.53 -22.61
C ASN B 413 -27.71 1.02 -22.69
N GLY B 414 -28.87 0.51 -22.29
CA GLY B 414 -29.09 -0.93 -22.28
C GLY B 414 -28.64 -1.65 -21.03
N ARG B 415 -28.44 -0.94 -19.91
CA ARG B 415 -28.14 -1.61 -18.65
C ARG B 415 -29.38 -1.67 -17.76
N VAL B 416 -29.34 -2.61 -16.81
CA VAL B 416 -30.50 -2.95 -16.00
C VAL B 416 -30.62 -1.95 -14.85
N VAL B 417 -31.84 -1.44 -14.62
CA VAL B 417 -32.12 -0.47 -13.56
C VAL B 417 -32.47 -1.23 -12.28
N CYS B 418 -31.69 -1.01 -11.22
CA CYS B 418 -31.84 -1.80 -10.00
C CYS B 418 -32.00 -0.90 -8.79
N THR B 419 -32.63 -1.45 -7.74
CA THR B 419 -32.64 -0.82 -6.43
C THR B 419 -31.29 -1.04 -5.75
N ASP B 420 -31.14 -0.53 -4.52
CA ASP B 420 -29.84 -0.61 -3.86
C ASP B 420 -29.52 -2.00 -3.33
N ASP B 421 -30.42 -2.96 -3.53
CA ASP B 421 -30.18 -4.36 -3.21
C ASP B 421 -30.17 -5.26 -4.44
N GLU B 422 -29.92 -4.67 -5.62
CA GLU B 422 -29.79 -5.33 -6.92
C GLU B 422 -31.09 -5.89 -7.49
N GLN B 423 -32.25 -5.57 -6.90
CA GLN B 423 -33.52 -6.06 -7.44
C GLN B 423 -33.92 -5.31 -8.72
N THR B 424 -34.38 -6.07 -9.72
CA THR B 424 -34.89 -5.47 -10.95
C THR B 424 -36.34 -5.03 -10.74
N THR B 425 -37.02 -4.62 -11.83
CA THR B 425 -38.45 -4.34 -11.80
C THR B 425 -39.31 -5.61 -11.75
N VAL B 426 -38.70 -6.79 -11.73
CA VAL B 426 -39.41 -8.04 -11.58
C VAL B 426 -38.91 -8.70 -10.30
N SER B 427 -39.82 -8.89 -9.34
CA SER B 427 -39.44 -8.98 -7.93
C SER B 427 -38.48 -10.14 -7.61
N ASN B 428 -38.46 -11.21 -8.41
CA ASN B 428 -37.57 -12.34 -8.15
C ASN B 428 -36.31 -12.35 -9.02
N VAL B 429 -36.07 -11.30 -9.81
CA VAL B 429 -34.95 -11.22 -10.74
C VAL B 429 -34.03 -10.10 -10.29
N TYR B 430 -32.73 -10.39 -10.18
CA TYR B 430 -31.70 -9.45 -9.76
C TYR B 430 -30.63 -9.34 -10.85
N ALA B 431 -29.82 -8.28 -10.79
CA ALA B 431 -28.72 -8.11 -11.74
C ALA B 431 -27.48 -7.63 -10.98
N ILE B 432 -26.30 -8.12 -11.39
CA ILE B 432 -25.04 -7.81 -10.71
C ILE B 432 -23.94 -7.59 -11.73
N GLY B 433 -22.88 -6.90 -11.32
CA GLY B 433 -21.73 -6.76 -12.19
C GLY B 433 -21.91 -5.64 -13.20
N ASP B 434 -21.28 -5.82 -14.37
CA ASP B 434 -21.15 -4.72 -15.33
C ASP B 434 -22.49 -4.27 -15.93
N ILE B 435 -23.52 -5.14 -15.93
CA ILE B 435 -24.82 -4.77 -16.51
C ILE B 435 -25.72 -4.01 -15.56
N ASN B 436 -25.34 -3.86 -14.29
CA ASN B 436 -26.11 -3.09 -13.32
C ASN B 436 -25.84 -1.60 -13.57
N ALA B 437 -26.86 -0.86 -14.00
CA ALA B 437 -26.66 0.53 -14.43
C ALA B 437 -26.09 1.40 -13.32
N GLY B 438 -25.13 2.27 -13.68
CA GLY B 438 -24.61 3.27 -12.77
C GLY B 438 -23.55 2.80 -11.79
N LYS B 439 -23.19 1.54 -11.79
CA LYS B 439 -22.23 0.99 -10.84
C LYS B 439 -20.82 0.95 -11.43
N PRO B 440 -19.78 1.06 -10.61
CA PRO B 440 -18.41 0.94 -11.12
C PRO B 440 -18.20 -0.47 -11.69
N GLN B 441 -17.60 -0.52 -12.88
CA GLN B 441 -17.47 -1.77 -13.61
C GLN B 441 -16.11 -2.40 -13.31
N LEU B 442 -16.05 -3.12 -12.19
CA LEU B 442 -14.81 -3.65 -11.66
C LEU B 442 -15.05 -5.06 -11.12
N THR B 443 -14.06 -5.94 -11.29
CA THR B 443 -14.22 -7.32 -10.80
C THR B 443 -14.48 -7.43 -9.30
N PRO B 444 -13.73 -6.78 -8.41
CA PRO B 444 -14.05 -6.93 -6.97
C PRO B 444 -15.42 -6.39 -6.58
N VAL B 445 -15.96 -5.43 -7.32
CA VAL B 445 -17.34 -4.96 -7.11
C VAL B 445 -18.34 -6.07 -7.46
N ALA B 446 -18.18 -6.69 -8.63
CA ALA B 446 -19.10 -7.77 -9.00
C ALA B 446 -19.09 -8.91 -7.98
N ILE B 447 -17.90 -9.28 -7.48
CA ILE B 447 -17.79 -10.39 -6.53
C ILE B 447 -18.46 -10.06 -5.20
N GLN B 448 -18.24 -8.85 -4.67
CA GLN B 448 -18.91 -8.44 -3.43
C GLN B 448 -20.42 -8.31 -3.60
N ALA B 449 -20.88 -7.72 -4.72
CA ALA B 449 -22.32 -7.67 -4.98
C ALA B 449 -22.92 -9.08 -5.02
N GLY B 450 -22.26 -10.01 -5.72
CA GLY B 450 -22.79 -11.36 -5.84
C GLY B 450 -22.80 -12.13 -4.52
N ARG B 451 -21.71 -12.06 -3.75
CA ARG B 451 -21.67 -12.76 -2.47
C ARG B 451 -22.67 -12.18 -1.48
N TYR B 452 -22.73 -10.85 -1.40
CA TYR B 452 -23.63 -10.22 -0.43
C TYR B 452 -25.10 -10.50 -0.77
N LEU B 453 -25.45 -10.51 -2.06
CA LEU B 453 -26.83 -10.81 -2.46
C LEU B 453 -27.22 -12.25 -2.10
N ALA B 454 -26.37 -13.22 -2.44
CA ALA B 454 -26.64 -14.61 -2.08
C ALA B 454 -26.91 -14.76 -0.59
N ARG B 455 -26.20 -13.99 0.24
CA ARG B 455 -26.40 -14.10 1.68
C ARG B 455 -27.71 -13.50 2.12
N ARG B 456 -28.15 -12.43 1.47
CA ARG B 456 -29.46 -11.87 1.79
C ARG B 456 -30.57 -12.82 1.36
N LEU B 457 -30.46 -13.42 0.17
CA LEU B 457 -31.54 -14.28 -0.32
C LEU B 457 -31.68 -15.57 0.50
N PHE B 458 -30.57 -16.15 0.94
CA PHE B 458 -30.62 -17.51 1.45
C PHE B 458 -30.15 -17.69 2.89
N ALA B 459 -29.63 -16.65 3.54
CA ALA B 459 -29.15 -16.80 4.91
C ALA B 459 -29.66 -15.71 5.85
N GLY B 460 -30.63 -14.91 5.42
CA GLY B 460 -31.16 -13.87 6.29
C GLY B 460 -30.25 -12.70 6.56
N ALA B 461 -29.20 -12.51 5.75
CA ALA B 461 -28.34 -11.36 5.96
C ALA B 461 -29.06 -10.09 5.53
N THR B 462 -28.55 -8.95 5.99
CA THR B 462 -29.07 -7.64 5.59
C THR B 462 -28.03 -6.69 5.00
N GLU B 463 -26.74 -6.97 5.12
CA GLU B 463 -25.70 -6.06 4.64
C GLU B 463 -25.83 -5.78 3.14
N LEU B 464 -25.76 -4.51 2.76
CA LEU B 464 -25.76 -4.10 1.35
C LEU B 464 -24.33 -3.84 0.87
N THR B 465 -24.15 -3.94 -0.46
CA THR B 465 -22.88 -3.54 -1.06
C THR B 465 -22.77 -2.01 -1.08
N ASP B 466 -21.62 -1.49 -0.64
CA ASP B 466 -21.32 -0.06 -0.69
C ASP B 466 -20.54 0.23 -1.96
N TYR B 467 -21.14 1.00 -2.87
CA TYR B 467 -20.52 1.30 -4.18
C TYR B 467 -19.77 2.64 -4.21
N SER B 468 -19.63 3.33 -3.09
CA SER B 468 -19.02 4.65 -3.10
C SER B 468 -17.52 4.59 -2.78
N ASN B 469 -16.75 5.51 -3.38
CA ASN B 469 -15.30 5.63 -3.15
C ASN B 469 -14.55 4.31 -3.40
N VAL B 470 -14.91 3.58 -4.45
CA VAL B 470 -14.18 2.35 -4.79
C VAL B 470 -12.88 2.74 -5.49
N ALA B 471 -11.75 2.27 -4.97
CA ALA B 471 -10.46 2.65 -5.55
C ALA B 471 -10.17 1.88 -6.83
N THR B 472 -9.28 2.46 -7.67
CA THR B 472 -8.95 1.92 -8.99
C THR B 472 -7.44 1.98 -9.21
N THR B 473 -6.94 1.20 -10.18
CA THR B 473 -5.57 1.39 -10.65
C THR B 473 -5.50 1.10 -12.14
N VAL B 474 -4.90 2.04 -12.89
CA VAL B 474 -4.66 1.87 -14.32
C VAL B 474 -3.22 1.39 -14.48
N PHE B 475 -3.03 0.20 -15.07
CA PHE B 475 -1.70 -0.42 -15.14
C PHE B 475 -0.99 -0.06 -16.45
N THR B 476 -0.88 1.25 -16.69
CA THR B 476 0.01 1.80 -17.72
C THR B 476 1.48 1.60 -17.30
N PRO B 477 2.45 1.80 -18.24
CA PRO B 477 3.88 1.58 -17.89
C PRO B 477 4.32 2.22 -16.58
N LEU B 478 3.93 3.47 -16.35
CA LEU B 478 3.92 4.04 -15.01
C LEU B 478 2.47 4.03 -14.53
N GLU B 479 2.22 3.32 -13.43
CA GLU B 479 0.87 3.02 -12.97
C GLU B 479 0.23 4.21 -12.25
N TYR B 480 -1.11 4.27 -12.29
CA TYR B 480 -1.89 5.39 -11.74
C TYR B 480 -3.00 4.84 -10.84
N GLY B 481 -2.91 5.11 -9.54
CA GLY B 481 -3.91 4.66 -8.56
C GLY B 481 -4.72 5.84 -8.05
N ALA B 482 -6.01 5.59 -7.80
CA ALA B 482 -6.89 6.68 -7.36
C ALA B 482 -7.97 6.15 -6.42
N CYS B 483 -8.43 7.01 -5.50
CA CYS B 483 -9.59 6.68 -4.69
C CYS B 483 -10.37 7.95 -4.39
N GLY B 484 -11.62 8.03 -4.84
CA GLY B 484 -12.46 9.18 -4.57
C GLY B 484 -12.60 10.13 -5.75
N LEU B 485 -12.83 11.42 -5.47
CA LEU B 485 -13.11 12.40 -6.53
C LEU B 485 -11.84 12.88 -7.21
N SER B 486 -11.94 13.16 -8.52
CA SER B 486 -10.90 13.93 -9.17
C SER B 486 -10.92 15.37 -8.67
N GLU B 487 -9.82 16.11 -8.93
CA GLU B 487 -9.76 17.51 -8.53
C GLU B 487 -10.86 18.34 -9.18
N GLU B 488 -11.11 18.15 -10.48
CA GLU B 488 -12.13 18.97 -11.16
C GLU B 488 -13.54 18.63 -10.67
N ASP B 489 -13.83 17.36 -10.36
CA ASP B 489 -15.14 17.04 -9.80
C ASP B 489 -15.35 17.64 -8.42
N ALA B 490 -14.30 17.69 -7.59
CA ALA B 490 -14.44 18.27 -6.27
C ALA B 490 -14.67 19.78 -6.36
N ILE B 491 -13.95 20.45 -7.26
CA ILE B 491 -14.12 21.89 -7.43
C ILE B 491 -15.53 22.21 -7.91
N GLU B 492 -16.03 21.43 -8.88
CA GLU B 492 -17.38 21.63 -9.37
C GLU B 492 -18.41 21.44 -8.26
N LYS B 493 -18.26 20.40 -7.44
CA LYS B 493 -19.26 20.10 -6.40
C LYS B 493 -19.25 21.08 -5.24
N TYR B 494 -18.09 21.65 -4.89
CA TYR B 494 -17.98 22.46 -3.69
C TYR B 494 -17.52 23.90 -3.91
N GLY B 495 -16.98 24.23 -5.07
CA GLY B 495 -16.43 25.55 -5.30
C GLY B 495 -14.94 25.60 -5.04
N ASP B 496 -14.22 26.38 -5.86
CA ASP B 496 -12.77 26.45 -5.75
C ASP B 496 -12.31 26.93 -4.37
N LYS B 497 -13.07 27.83 -3.74
CA LYS B 497 -12.59 28.39 -2.48
C LYS B 497 -12.68 27.42 -1.31
N ASP B 498 -13.50 26.36 -1.42
CA ASP B 498 -13.62 25.34 -0.38
C ASP B 498 -12.72 24.13 -0.60
N ILE B 499 -11.85 24.14 -1.62
CA ILE B 499 -11.01 22.99 -1.97
C ILE B 499 -9.54 23.36 -1.75
N GLU B 500 -8.81 22.48 -1.05
CA GLU B 500 -7.37 22.59 -0.87
C GLU B 500 -6.72 21.31 -1.40
N VAL B 501 -5.66 21.48 -2.20
CA VAL B 501 -4.94 20.37 -2.81
C VAL B 501 -3.49 20.39 -2.31
N TYR B 502 -3.08 19.32 -1.64
CA TYR B 502 -1.69 19.11 -1.26
C TYR B 502 -1.02 18.17 -2.25
N HIS B 503 0.22 18.47 -2.67
CA HIS B 503 0.83 17.65 -3.72
C HIS B 503 2.37 17.68 -3.61
N SER B 504 3.00 16.72 -4.31
CA SER B 504 4.44 16.58 -4.31
C SER B 504 4.88 15.62 -5.42
N ASN B 505 5.98 15.95 -6.09
CA ASN B 505 6.72 14.95 -6.85
C ASN B 505 7.50 14.06 -5.89
N PHE B 506 7.93 12.90 -6.40
CA PHE B 506 8.82 12.03 -5.64
C PHE B 506 9.62 11.18 -6.62
N LYS B 507 10.68 10.57 -6.09
CA LYS B 507 11.55 9.67 -6.85
C LYS B 507 11.73 8.41 -6.04
N PRO B 508 11.39 7.23 -6.58
CA PRO B 508 11.62 5.98 -5.83
C PRO B 508 13.11 5.79 -5.57
N LEU B 509 13.45 5.28 -4.38
CA LEU B 509 14.84 4.99 -4.08
C LEU B 509 15.46 4.10 -5.17
N GLU B 510 14.69 3.14 -5.66
CA GLU B 510 15.16 2.20 -6.68
C GLU B 510 15.57 2.89 -7.98
N TRP B 511 15.06 4.11 -8.24
CA TRP B 511 15.38 4.81 -9.47
C TRP B 511 16.68 5.61 -9.39
N THR B 512 17.27 5.74 -8.20
CA THR B 512 18.43 6.62 -8.05
C THR B 512 19.64 6.01 -8.74
N VAL B 513 20.06 4.83 -8.28
CA VAL B 513 21.21 4.14 -8.85
C VAL B 513 20.95 3.74 -10.31
N ALA B 514 19.68 3.55 -10.69
CA ALA B 514 19.33 3.23 -12.07
C ALA B 514 19.29 4.45 -13.00
N HIS B 515 19.50 5.67 -12.47
CA HIS B 515 19.52 6.89 -13.28
C HIS B 515 18.19 7.11 -14.02
N ARG B 516 17.06 6.84 -13.37
CA ARG B 516 15.76 7.17 -13.94
C ARG B 516 15.36 8.61 -13.55
N GLU B 517 14.20 9.07 -14.02
CA GLU B 517 13.83 10.48 -13.95
C GLU B 517 13.51 10.99 -12.54
N ASP B 518 13.86 12.26 -12.28
CA ASP B 518 13.75 12.87 -10.95
C ASP B 518 12.32 13.26 -10.59
N ASN B 519 11.55 13.82 -11.53
CA ASN B 519 10.29 14.50 -11.21
C ASN B 519 9.15 14.06 -12.12
N VAL B 520 8.95 12.76 -12.33
CA VAL B 520 7.78 12.29 -13.05
C VAL B 520 6.75 11.66 -12.13
N CYS B 521 7.17 10.91 -11.10
CA CYS B 521 6.19 10.41 -10.13
C CYS B 521 5.61 11.58 -9.33
N TYR B 522 4.34 11.43 -8.92
CA TYR B 522 3.55 12.56 -8.46
C TYR B 522 2.38 12.06 -7.62
N MET B 523 2.04 12.77 -6.55
CA MET B 523 0.86 12.39 -5.77
C MET B 523 0.15 13.65 -5.28
N LYS B 524 -1.16 13.51 -5.02
CA LYS B 524 -1.92 14.62 -4.45
C LYS B 524 -3.10 14.13 -3.62
N LEU B 525 -3.49 14.97 -2.64
CA LEU B 525 -4.71 14.85 -1.84
C LEU B 525 -5.62 16.04 -2.09
N VAL B 526 -6.85 15.77 -2.53
CA VAL B 526 -7.86 16.81 -2.75
C VAL B 526 -8.77 16.85 -1.52
N CYS B 527 -8.84 18.01 -0.85
CA CYS B 527 -9.47 18.12 0.47
C CYS B 527 -10.49 19.25 0.55
N ARG B 528 -11.48 19.07 1.45
CA ARG B 528 -12.55 20.06 1.68
C ARG B 528 -12.28 20.87 2.96
N LYS B 529 -12.00 22.15 2.77
CA LYS B 529 -11.64 23.03 3.87
C LYS B 529 -12.71 23.06 4.95
N SER B 530 -13.97 23.30 4.57
CA SER B 530 -15.04 23.53 5.54
C SER B 530 -15.49 22.26 6.25
N ASP B 531 -14.91 21.10 5.93
CA ASP B 531 -15.24 19.85 6.62
C ASP B 531 -13.97 19.25 7.23
N ASN B 532 -13.25 20.05 8.04
CA ASN B 532 -12.06 19.61 8.74
C ASN B 532 -10.98 19.06 7.81
N MET B 533 -10.90 19.59 6.58
CA MET B 533 -9.92 19.12 5.58
C MET B 533 -10.12 17.64 5.23
N ARG B 534 -11.39 17.22 5.10
CA ARG B 534 -11.71 15.85 4.68
C ARG B 534 -10.99 15.52 3.38
N VAL B 535 -10.44 14.31 3.29
CA VAL B 535 -9.82 13.85 2.05
C VAL B 535 -10.94 13.36 1.12
N LEU B 536 -11.17 14.09 0.03
CA LEU B 536 -12.20 13.77 -0.94
C LEU B 536 -11.70 12.85 -2.05
N GLY B 537 -10.42 12.97 -2.40
CA GLY B 537 -9.78 12.18 -3.44
C GLY B 537 -8.29 12.06 -3.21
N LEU B 538 -7.73 10.88 -3.50
CA LEU B 538 -6.29 10.58 -3.39
C LEU B 538 -5.82 10.07 -4.75
N HIS B 539 -4.66 10.57 -5.23
CA HIS B 539 -4.15 10.23 -6.57
C HIS B 539 -2.64 9.97 -6.50
N VAL B 540 -2.16 8.90 -7.16
CA VAL B 540 -0.72 8.66 -7.17
C VAL B 540 -0.29 8.03 -8.49
N LEU B 541 0.77 8.59 -9.06
CA LEU B 541 1.41 8.10 -10.29
C LEU B 541 2.80 7.60 -9.89
N GLY B 542 3.06 6.30 -10.06
CA GLY B 542 4.30 5.71 -9.61
C GLY B 542 4.30 4.20 -9.70
N PRO B 543 5.44 3.57 -9.39
CA PRO B 543 5.49 2.11 -9.39
C PRO B 543 4.65 1.55 -8.25
N ASN B 544 4.06 0.37 -8.49
CA ASN B 544 3.30 -0.37 -7.47
C ASN B 544 2.09 0.43 -6.97
N ALA B 545 1.47 1.23 -7.85
CA ALA B 545 0.45 2.18 -7.42
C ALA B 545 -0.80 1.51 -6.86
N GLY B 546 -1.11 0.29 -7.33
CA GLY B 546 -2.22 -0.43 -6.74
C GLY B 546 -1.94 -0.84 -5.31
N GLU B 547 -0.71 -1.35 -5.05
CA GLU B 547 -0.35 -1.70 -3.68
C GLU B 547 -0.32 -0.46 -2.79
N ILE B 548 0.18 0.67 -3.30
CA ILE B 548 0.20 1.91 -2.52
C ILE B 548 -1.22 2.33 -2.14
N THR B 549 -2.13 2.32 -3.11
CA THR B 549 -3.46 2.94 -2.94
C THR B 549 -4.39 2.13 -2.04
N GLN B 550 -4.30 0.79 -2.07
CA GLN B 550 -5.34 -0.04 -1.46
C GLN B 550 -5.59 0.30 0.01
N GLY B 551 -4.54 0.37 0.83
CA GLY B 551 -4.75 0.56 2.27
C GLY B 551 -5.41 1.88 2.62
N TYR B 552 -5.10 2.94 1.85
CA TYR B 552 -5.74 4.24 2.06
C TYR B 552 -7.23 4.23 1.74
N ALA B 553 -7.71 3.28 0.92
CA ALA B 553 -9.15 3.18 0.68
C ALA B 553 -9.92 2.86 1.96
N VAL B 554 -9.33 2.10 2.89
CA VAL B 554 -9.98 1.87 4.18
C VAL B 554 -10.08 3.18 4.96
N ALA B 555 -9.00 3.96 5.00
CA ALA B 555 -9.04 5.23 5.74
C ALA B 555 -10.05 6.20 5.15
N ILE B 556 -10.13 6.25 3.81
CA ILE B 556 -11.07 7.15 3.16
C ILE B 556 -12.52 6.71 3.42
N LYS B 557 -12.76 5.40 3.44
CA LYS B 557 -14.08 4.87 3.81
C LYS B 557 -14.49 5.33 5.21
N MET B 558 -13.52 5.45 6.11
CA MET B 558 -13.77 5.86 7.50
C MET B 558 -13.77 7.38 7.69
N GLY B 559 -13.61 8.15 6.62
CA GLY B 559 -13.66 9.60 6.72
C GLY B 559 -12.34 10.28 7.02
N ALA B 560 -11.22 9.75 6.53
CA ALA B 560 -9.92 10.35 6.83
C ALA B 560 -9.91 11.84 6.48
N THR B 561 -9.24 12.62 7.33
CA THR B 561 -8.91 14.03 7.13
C THR B 561 -7.41 14.18 6.90
N LYS B 562 -6.99 15.37 6.44
CA LYS B 562 -5.56 15.64 6.34
C LYS B 562 -4.85 15.42 7.67
N ALA B 563 -5.49 15.79 8.79
CA ALA B 563 -4.84 15.61 10.09
C ALA B 563 -4.58 14.13 10.39
N ASP B 564 -5.47 13.23 9.92
CA ASP B 564 -5.21 11.79 10.10
C ASP B 564 -3.96 11.36 9.36
N PHE B 565 -3.74 11.89 8.14
CA PHE B 565 -2.52 11.56 7.39
C PHE B 565 -1.27 12.16 8.06
N ASP B 566 -1.38 13.35 8.66
CA ASP B 566 -0.22 13.97 9.30
C ASP B 566 0.19 13.25 10.59
N ARG B 567 -0.77 12.81 11.40
CA ARG B 567 -0.39 12.18 12.66
C ARG B 567 0.08 10.73 12.50
N THR B 568 -0.18 10.09 11.35
CA THR B 568 0.34 8.75 11.09
C THR B 568 1.81 8.87 10.62
N ILE B 569 2.66 7.96 11.07
CA ILE B 569 4.10 8.03 10.76
C ILE B 569 4.41 7.20 9.51
N GLY B 570 5.41 7.63 8.73
CA GLY B 570 5.77 6.91 7.51
C GLY B 570 6.63 5.67 7.77
N ILE B 571 6.60 4.75 6.80
CA ILE B 571 7.53 3.62 6.69
C ILE B 571 8.63 3.98 5.70
N HIS B 572 9.89 3.90 6.13
CA HIS B 572 11.04 4.36 5.34
C HIS B 572 11.98 3.20 5.05
N PRO B 573 12.50 3.06 3.81
CA PRO B 573 12.24 3.85 2.59
C PRO B 573 11.13 3.24 1.73
N THR B 574 10.06 4.01 1.46
CA THR B 574 8.97 3.59 0.56
C THR B 574 8.53 4.78 -0.28
N CYS B 575 7.87 4.49 -1.41
CA CYS B 575 7.15 5.54 -2.12
C CYS B 575 5.92 6.01 -1.33
N SER B 576 5.21 5.09 -0.69
CA SER B 576 3.93 5.44 -0.06
C SER B 576 4.08 6.43 1.08
N GLU B 577 5.22 6.43 1.79
CA GLU B 577 5.40 7.33 2.94
C GLU B 577 5.27 8.81 2.59
N THR B 578 5.45 9.18 1.31
CA THR B 578 5.35 10.60 0.94
C THR B 578 3.96 11.18 1.23
N PHE B 579 2.91 10.33 1.29
CA PHE B 579 1.58 10.80 1.70
C PHE B 579 1.51 11.29 3.15
N THR B 580 2.45 10.88 4.02
CA THR B 580 2.33 11.21 5.44
C THR B 580 2.94 12.55 5.80
N THR B 581 3.65 13.20 4.87
CA THR B 581 4.33 14.47 5.14
C THR B 581 4.03 15.53 4.09
N LEU B 582 2.91 15.44 3.37
CA LEU B 582 2.59 16.44 2.35
C LEU B 582 2.35 17.80 3.00
N HIS B 583 2.76 18.87 2.30
CA HIS B 583 2.63 20.20 2.90
C HIS B 583 2.52 21.34 1.88
N VAL B 584 2.99 21.13 0.64
CA VAL B 584 2.89 22.16 -0.40
C VAL B 584 1.46 22.18 -0.94
N THR B 585 0.82 23.35 -0.91
CA THR B 585 -0.53 23.50 -1.47
C THR B 585 -0.46 24.05 -2.89
N LYS B 586 -1.49 23.74 -3.69
CA LYS B 586 -1.56 24.34 -5.02
C LYS B 586 -1.80 25.85 -4.93
N LYS B 587 -2.63 26.30 -3.97
CA LYS B 587 -2.90 27.74 -3.86
C LYS B 587 -1.64 28.53 -3.56
N SER B 588 -0.66 27.92 -2.87
CA SER B 588 0.54 28.65 -2.50
C SER B 588 1.43 28.98 -3.68
N GLY B 589 1.31 28.23 -4.79
CA GLY B 589 2.20 28.42 -5.91
C GLY B 589 3.61 27.91 -5.73
N VAL B 590 3.95 27.31 -4.59
CA VAL B 590 5.28 26.73 -4.39
C VAL B 590 5.44 25.49 -5.27
N SER B 591 6.65 25.28 -5.79
CA SER B 591 6.87 24.15 -6.69
C SER B 591 6.75 22.81 -5.95
N PRO B 592 6.23 21.77 -6.61
CA PRO B 592 6.19 20.44 -6.01
C PRO B 592 7.41 19.56 -6.26
N ILE B 593 8.45 20.05 -6.95
CA ILE B 593 9.56 19.18 -7.36
C ILE B 593 10.43 18.82 -6.15
N VAL B 594 11.32 17.85 -6.33
CA VAL B 594 12.10 17.34 -5.20
C VAL B 594 13.45 18.05 -5.07
PA FAD C . 21.67 9.25 13.78
O1A FAD C . 20.97 9.17 12.46
O2A FAD C . 22.51 8.05 14.18
O5B FAD C . 22.51 10.60 13.81
C5B FAD C . 23.30 10.98 14.97
C4B FAD C . 24.53 11.68 14.47
O4B FAD C . 25.19 12.39 15.54
C3B FAD C . 25.59 10.77 13.83
O3B FAD C . 26.07 11.34 12.62
C2B FAD C . 26.69 10.72 14.91
O2B FAD C . 27.99 10.44 14.39
C1B FAD C . 26.59 12.15 15.44
N9A FAD C . 27.20 12.37 16.76
C8A FAD C . 27.28 11.47 17.80
N7A FAD C . 27.87 11.95 18.87
C5A FAD C . 28.18 13.26 18.52
C6A FAD C . 28.81 14.30 19.22
N6A FAD C . 29.24 14.18 20.49
N1A FAD C . 28.97 15.49 18.58
C2A FAD C . 28.53 15.60 17.33
N3A FAD C . 27.93 14.69 16.57
C4A FAD C . 27.77 13.53 17.23
N1 FAD C . 15.11 2.99 10.17
C2 FAD C . 14.01 2.99 9.37
O2 FAD C . 13.02 3.70 9.62
N3 FAD C . 13.99 2.19 8.22
C4 FAD C . 15.03 1.33 7.80
O4 FAD C . 14.92 0.67 6.75
C4X FAD C . 16.18 1.34 8.68
N5 FAD C . 17.21 0.59 8.37
C5X FAD C . 18.33 0.61 9.21
C6 FAD C . 19.43 -0.19 8.88
C7 FAD C . 20.56 -0.21 9.69
C7M FAD C . 21.73 -1.08 9.31
C8 FAD C . 20.60 0.59 10.85
C8M FAD C . 21.83 0.59 11.74
C9 FAD C . 19.51 1.38 11.17
C9A FAD C . 18.38 1.41 10.36
N10 FAD C . 17.25 2.20 10.66
C10 FAD C . 16.14 2.20 9.84
C1' FAD C . 17.21 3.04 11.88
C2' FAD C . 17.64 4.48 11.62
O2' FAD C . 18.94 4.47 11.05
C3' FAD C . 17.69 5.24 12.95
O3' FAD C . 16.44 5.08 13.63
C4' FAD C . 17.99 6.73 12.79
O4' FAD C . 19.03 6.93 11.83
C5' FAD C . 18.36 7.39 14.09
O5' FAD C . 18.35 8.82 13.92
P FAD C . 19.02 9.78 14.98
O1P FAD C . 18.81 11.22 14.48
O2P FAD C . 18.44 9.35 16.29
O3P FAD C . 20.59 9.45 14.95
N1 ZMC D . 37.77 12.61 22.07
C4 ZMC D . 36.38 16.48 14.46
C5 ZMC D . 37.25 15.85 15.39
C6 ZMC D . 36.96 16.05 16.84
C7 ZMC D . 38.10 13.95 17.99
C8 ZMC D . 37.98 13.47 19.40
C10 ZMC D . 38.23 13.85 21.76
C13 ZMC D . 36.77 16.05 10.88
N ZMC D . 36.78 14.63 17.51
C ZMC D . 38.32 15.04 15.01
O ZMC D . 36.07 16.62 12.01
C1 ZMC D . 38.61 14.77 13.68
C11 ZMC D . 37.41 11.78 21.03
C12 ZMC D . 37.49 12.17 19.68
C2 ZMC D . 37.79 15.35 12.75
C3 ZMC D . 36.69 16.19 13.14
C9 ZMC D . 38.35 14.33 20.44
O1 ZMC D . 37.85 15.25 11.39
N1 ZMC E . -3.52 24.76 26.02
C4 ZMC E . -1.13 27.67 19.00
C5 ZMC E . -2.12 26.82 19.54
C6 ZMC E . -2.31 26.90 21.04
C7 ZMC E . -3.71 27.92 23.01
C8 ZMC E . -3.65 26.80 24.05
C10 ZMC E . -2.45 25.04 25.24
C13 ZMC E . 0.04 27.70 15.59
N ZMC E . -3.73 27.39 21.52
C ZMC E . -2.81 25.89 18.73
O ZMC E . 0.11 28.22 16.93
C1 ZMC E . -2.52 25.76 17.34
C11 ZMC E . -4.66 25.49 25.82
C12 ZMC E . -4.76 26.51 24.85
C2 ZMC E . -1.52 26.59 16.84
C3 ZMC E . -0.84 27.53 17.67
C9 ZMC E . -2.48 26.05 24.24
O1 ZMC E . -0.98 26.67 15.57
PA FAD F . -18.10 -11.09 -17.07
O1A FAD F . -16.87 -11.33 -16.25
O2A FAD F . -17.92 -10.46 -18.46
O5B FAD F . -18.86 -12.52 -17.18
C5B FAD F . -20.14 -12.65 -17.83
C4B FAD F . -20.18 -14.01 -18.51
O4B FAD F . -21.52 -14.35 -18.95
C3B FAD F . -19.28 -14.13 -19.75
O3B FAD F . -18.56 -15.35 -19.71
C2B FAD F . -20.29 -14.11 -20.90
O2B FAD F . -19.82 -14.79 -22.07
C1B FAD F . -21.43 -14.89 -20.25
N9A FAD F . -22.72 -14.76 -20.92
C8A FAD F . -23.19 -13.66 -21.60
N7A FAD F . -24.39 -13.81 -22.09
C5A FAD F . -24.73 -15.11 -21.73
C6A FAD F . -25.89 -15.88 -21.97
N6A FAD F . -26.95 -15.44 -22.65
N1A FAD F . -25.91 -17.15 -21.46
C2A FAD F . -24.85 -17.58 -20.77
N3A FAD F . -23.72 -16.94 -20.49
C4A FAD F . -23.71 -15.70 -21.01
N1 FAD F . -11.55 -4.98 -13.66
C2 FAD F . -10.78 -4.81 -12.55
O2 FAD F . -11.28 -4.74 -11.40
N3 FAD F . -9.40 -4.72 -12.69
C4 FAD F . -8.68 -4.79 -13.89
O4 FAD F . -7.45 -4.70 -13.88
C4X FAD F . -9.52 -4.95 -15.06
N5 FAD F . -8.94 -5.03 -16.23
C5X FAD F . -9.74 -5.19 -17.35
C6 FAD F . -9.13 -5.28 -18.60
C7 FAD F . -9.89 -5.45 -19.76
C7M FAD F . -9.20 -5.54 -21.10
C8 FAD F . -11.29 -5.53 -19.67
C8M FAD F . -12.14 -5.71 -20.90
C9 FAD F . -11.90 -5.45 -18.42
C9A FAD F . -11.14 -5.28 -17.26
N10 FAD F . -11.73 -5.20 -15.98
C10 FAD F . -10.95 -5.04 -14.86
C1' FAD F . -13.19 -5.28 -15.81
C2' FAD F . -13.67 -6.66 -15.36
O2' FAD F . -13.19 -7.62 -16.30
C3' FAD F . -15.20 -6.67 -15.34
O3' FAD F . -15.64 -5.60 -14.50
C4' FAD F . -15.81 -7.97 -14.81
O4' FAD F . -15.38 -9.10 -15.59
C5' FAD F . -17.32 -7.93 -14.79
O5' FAD F . -17.81 -9.21 -14.34
P FAD F . -19.25 -9.70 -14.74
O1P FAD F . -19.55 -10.94 -13.87
O2P FAD F . -20.17 -8.56 -14.66
O3P FAD F . -19.11 -10.15 -16.28
N1 ZMC G . -17.86 -29.26 -25.90
C4 ZMC G . -21.86 -24.24 -26.52
C5 ZMC G . -20.97 -24.46 -27.61
C6 ZMC G . -19.74 -25.22 -27.36
C7 ZMC G . -17.30 -25.00 -26.56
C8 ZMC G . -17.48 -26.50 -26.32
C10 ZMC G . -17.33 -28.79 -27.05
C13 ZMC G . -25.06 -22.60 -26.91
N ZMC G . -18.69 -24.31 -26.68
C ZMC G . -21.25 -24.04 -28.91
O ZMC G . -24.08 -23.26 -26.06
C1 ZMC G . -22.45 -23.37 -29.23
C11 ZMC G . -18.19 -28.36 -24.94
C12 ZMC G . -18.02 -26.97 -25.10
C2 ZMC G . -23.32 -23.17 -28.20
C3 ZMC G . -23.03 -23.59 -26.86
C9 ZMC G . -17.11 -27.42 -27.31
O1 ZMC G . -24.55 -22.56 -28.25
#